data_3WDS
#
_entry.id   3WDS
#
_cell.length_a   61.970
_cell.length_b   126.370
_cell.length_c   62.020
_cell.angle_alpha   90.00
_cell.angle_beta   110.50
_cell.angle_gamma   90.00
#
_symmetry.space_group_name_H-M   'P 1 21 1'
#
loop_
_entity.id
_entity.type
_entity.pdbx_description
1 polymer 'NADH-dependent quinuclidinone reductase'
2 non-polymer NICOTINAMIDE-ADENINE-DINUCLEOTIDE
3 non-polymer 'ACETIC ACID'
4 non-polymer 1,2-ETHANEDIOL
5 water water
#
_entity_poly.entity_id   1
_entity_poly.type   'polypeptide(L)'
_entity_poly.pdbx_seq_one_letter_code
;GSHMAGIFDLSGRKAIVTGGSKGIGAAIARALDKAGATVAIADLDVMAAQAVVAGLENGGFAVEVDVTKRASVDAAMQKA
IDALGGFDLLCANAGVSTMRPAVDITDEEWDFNFDVNARGVFLANQIACRHFLASNTKGVIVNTASLAAKVGAPLLAHYS
ASKFAVFGWTQALAREMAPKNIRVNCVCPGFVKTAMQEREIIWEAELRGMTPEAVRAEYVSLTPLGRIEEPEDVADVVVF
LASDAARFMTGQGINVTGGVRMD
;
_entity_poly.pdbx_strand_id   A,B,D,C
#
# COMPACT_ATOMS: atom_id res chain seq x y z
N ILE A 7 -19.24 20.90 11.78
CA ILE A 7 -18.44 19.66 12.05
C ILE A 7 -16.95 20.00 11.69
N PHE A 8 -16.67 21.08 10.94
CA PHE A 8 -15.22 21.43 10.66
C PHE A 8 -14.67 22.51 11.58
N ASP A 9 -15.47 22.89 12.57
CA ASP A 9 -15.14 24.04 13.43
C ASP A 9 -14.17 23.57 14.52
N LEU A 10 -13.17 24.38 14.84
CA LEU A 10 -12.22 24.06 15.90
C LEU A 10 -12.33 25.14 16.98
N SER A 11 -13.43 25.90 16.94
CA SER A 11 -13.64 26.99 17.95
C SER A 11 -13.44 26.48 19.38
N GLY A 12 -12.66 27.21 20.17
CA GLY A 12 -12.50 26.83 21.53
C GLY A 12 -11.39 25.85 21.80
N ARG A 13 -10.77 25.27 20.75
CA ARG A 13 -9.78 24.24 20.96
C ARG A 13 -8.44 24.86 21.08
N LYS A 14 -7.59 24.17 21.80
CA LYS A 14 -6.23 24.65 22.14
C LYS A 14 -5.19 23.74 21.41
N ALA A 15 -4.40 24.34 20.56
CA ALA A 15 -3.46 23.58 19.67
C ALA A 15 -2.00 23.94 19.93
N ILE A 16 -1.12 22.98 19.74
CA ILE A 16 0.29 23.18 19.68
C ILE A 16 0.80 22.69 18.32
N VAL A 17 1.53 23.55 17.66
CA VAL A 17 2.18 23.22 16.37
C VAL A 17 3.68 23.27 16.55
N THR A 18 4.39 22.14 16.42
CA THR A 18 5.82 22.18 16.47
C THR A 18 6.32 22.47 15.08
N GLY A 19 7.32 23.35 14.95
CA GLY A 19 7.78 23.71 13.65
C GLY A 19 6.92 24.65 12.88
N GLY A 20 6.18 25.46 13.64
CA GLY A 20 5.17 26.33 13.07
C GLY A 20 5.68 27.69 12.63
N SER A 21 6.98 27.94 12.70
CA SER A 21 7.48 29.28 12.38
C SER A 21 7.42 29.72 10.95
N LYS A 22 7.56 28.78 10.02
CA LYS A 22 7.57 29.10 8.64
C LYS A 22 7.01 27.95 7.80
N GLY A 23 6.96 28.17 6.49
CA GLY A 23 6.53 27.10 5.58
C GLY A 23 5.20 26.45 5.88
N ILE A 24 5.19 25.12 5.72
CA ILE A 24 3.96 24.38 6.02
C ILE A 24 3.43 24.58 7.44
N GLY A 25 4.36 24.68 8.40
CA GLY A 25 3.95 24.82 9.80
C GLY A 25 3.24 26.12 10.09
N ALA A 26 3.73 27.21 9.52
CA ALA A 26 3.09 28.47 9.69
C ALA A 26 1.73 28.48 9.02
N ALA A 27 1.61 27.89 7.88
CA ALA A 27 0.32 27.77 7.27
C ALA A 27 -0.67 26.91 8.07
N ILE A 28 -0.17 25.82 8.69
CA ILE A 28 -0.97 25.06 9.58
C ILE A 28 -1.52 25.95 10.76
N ALA A 29 -0.62 26.67 11.38
CA ALA A 29 -0.94 27.48 12.54
C ALA A 29 -2.01 28.55 12.15
N ARG A 30 -1.81 29.14 10.98
CA ARG A 30 -2.83 30.10 10.46
C ARG A 30 -4.18 29.48 10.19
N ALA A 31 -4.17 28.30 9.59
CA ALA A 31 -5.41 27.62 9.23
C ALA A 31 -6.21 27.11 10.45
N LEU A 32 -5.49 26.60 11.45
CA LEU A 32 -6.10 26.15 12.70
C LEU A 32 -6.75 27.33 13.36
N ASP A 33 -6.02 28.43 13.39
CA ASP A 33 -6.56 29.70 14.00
C ASP A 33 -7.83 30.20 13.26
N LYS A 34 -7.77 30.26 11.93
CA LYS A 34 -8.89 30.62 11.08
C LYS A 34 -10.10 29.74 11.35
N ALA A 35 -9.85 28.45 11.63
CA ALA A 35 -10.90 27.56 11.95
C ALA A 35 -11.41 27.68 13.36
N GLY A 36 -10.80 28.53 14.19
CA GLY A 36 -11.33 28.76 15.49
C GLY A 36 -10.46 28.38 16.65
N ALA A 37 -9.35 27.70 16.36
CA ALA A 37 -8.44 27.32 17.47
C ALA A 37 -7.59 28.45 18.02
N THR A 38 -7.18 28.33 19.29
CA THR A 38 -6.03 29.13 19.77
C THR A 38 -4.74 28.33 19.67
N VAL A 39 -3.72 28.90 19.12
CA VAL A 39 -2.50 28.13 18.72
C VAL A 39 -1.25 28.60 19.42
N ALA A 40 -0.47 27.64 19.94
CA ALA A 40 0.88 27.87 20.43
C ALA A 40 1.80 27.31 19.41
N ILE A 41 2.78 28.07 19.02
CA ILE A 41 3.77 27.60 18.11
C ILE A 41 5.03 27.33 18.91
N ALA A 42 5.62 26.13 18.75
CA ALA A 42 6.89 25.74 19.39
C ALA A 42 7.87 25.47 18.30
N ASP A 43 8.96 26.24 18.22
CA ASP A 43 9.87 26.24 17.11
C ASP A 43 11.26 26.55 17.55
N LEU A 44 12.26 26.08 16.81
CA LEU A 44 13.67 26.39 17.07
C LEU A 44 13.91 27.85 16.88
N ASP A 45 13.14 28.48 16.02
CA ASP A 45 13.25 29.95 15.73
C ASP A 45 12.06 30.64 16.38
N VAL A 46 12.24 31.08 17.62
CA VAL A 46 11.11 31.67 18.37
C VAL A 46 10.78 33.09 17.93
N MET A 47 11.75 33.77 17.32
CA MET A 47 11.56 35.15 16.76
C MET A 47 10.50 35.03 15.64
N ALA A 48 10.71 34.06 14.78
CA ALA A 48 9.77 33.88 13.67
C ALA A 48 8.46 33.40 14.19
N ALA A 49 8.46 32.51 15.19
CA ALA A 49 7.17 32.03 15.78
C ALA A 49 6.38 33.15 16.37
N GLN A 50 7.06 34.07 17.05
CA GLN A 50 6.36 35.18 17.65
C GLN A 50 5.68 36.08 16.59
N ALA A 51 6.35 36.25 15.46
CA ALA A 51 5.88 37.04 14.34
C ALA A 51 4.61 36.45 13.76
N VAL A 52 4.56 35.12 13.60
CA VAL A 52 3.30 34.42 13.20
C VAL A 52 2.18 34.55 14.24
N VAL A 53 2.49 34.26 15.51
CA VAL A 53 1.54 34.33 16.56
C VAL A 53 0.92 35.74 16.65
N ALA A 54 1.75 36.74 16.44
CA ALA A 54 1.27 38.14 16.55
C ALA A 54 0.03 38.40 15.67
N GLY A 55 -0.02 37.72 14.54
CA GLY A 55 -1.06 37.94 13.53
C GLY A 55 -2.25 37.04 13.68
N LEU A 56 -2.31 36.17 14.68
CA LEU A 56 -3.36 35.20 14.75
C LEU A 56 -4.57 35.87 15.32
N GLU A 57 -5.76 35.49 14.88
CA GLU A 57 -7.05 36.04 15.39
C GLU A 57 -7.34 35.75 16.85
N ASN A 58 -7.04 34.53 17.29
CA ASN A 58 -7.51 34.06 18.57
C ASN A 58 -6.50 34.06 19.66
N GLY A 59 -5.50 34.91 19.56
CA GLY A 59 -4.47 34.90 20.57
C GLY A 59 -3.43 33.88 20.16
N GLY A 60 -2.72 33.39 21.15
CA GLY A 60 -1.75 32.35 20.96
C GLY A 60 -0.49 32.64 21.69
N PHE A 61 0.48 31.74 21.51
CA PHE A 61 1.74 31.77 22.28
C PHE A 61 2.85 31.21 21.43
N ALA A 62 4.01 31.86 21.45
CA ALA A 62 5.25 31.36 20.85
C ALA A 62 6.21 30.87 21.94
N VAL A 63 6.79 29.69 21.74
CA VAL A 63 7.73 29.11 22.72
C VAL A 63 8.86 28.48 21.93
N GLU A 64 10.09 28.54 22.44
CA GLU A 64 11.27 27.98 21.78
C GLU A 64 11.32 26.52 22.15
N VAL A 65 11.64 25.69 21.14
CA VAL A 65 11.75 24.21 21.37
C VAL A 65 12.79 23.72 20.45
N ASP A 66 13.53 22.72 20.93
CA ASP A 66 14.36 21.87 20.03
C ASP A 66 13.72 20.49 20.13
N VAL A 67 13.00 20.07 19.08
CA VAL A 67 12.28 18.81 19.18
C VAL A 67 13.24 17.64 19.33
N THR A 68 14.53 17.79 19.08
CA THR A 68 15.47 16.64 19.19
C THR A 68 15.77 16.28 20.64
N LYS A 69 15.27 17.09 21.57
CA LYS A 69 15.65 16.94 22.99
C LYS A 69 14.47 16.87 23.88
N ARG A 70 14.36 15.76 24.62
CA ARG A 70 13.21 15.54 25.48
C ARG A 70 13.04 16.65 26.51
N ALA A 71 14.14 17.12 27.09
CA ALA A 71 13.96 18.16 28.12
C ALA A 71 13.35 19.40 27.53
N SER A 72 13.68 19.66 26.26
CA SER A 72 13.22 20.86 25.52
C SER A 72 11.75 20.69 25.22
N VAL A 73 11.40 19.51 24.71
CA VAL A 73 9.99 19.29 24.41
C VAL A 73 9.10 19.28 25.60
N ASP A 74 9.50 18.64 26.67
CA ASP A 74 8.69 18.62 27.84
C ASP A 74 8.43 20.06 28.37
N ALA A 75 9.46 20.84 28.40
CA ALA A 75 9.35 22.22 28.97
C ALA A 75 8.51 23.11 28.10
N ALA A 76 8.78 23.03 26.79
CA ALA A 76 8.02 23.83 25.83
C ALA A 76 6.54 23.46 25.80
N MET A 77 6.21 22.16 25.82
CA MET A 77 4.81 21.79 25.83
C MET A 77 4.09 22.19 27.09
N GLN A 78 4.76 22.05 28.26
CA GLN A 78 4.13 22.42 29.51
C GLN A 78 3.82 23.94 29.52
N LYS A 79 4.78 24.70 29.05
CA LYS A 79 4.67 26.17 28.99
C LYS A 79 3.56 26.60 28.10
N ALA A 80 3.46 25.94 26.95
CA ALA A 80 2.32 26.11 26.07
C ALA A 80 0.98 25.76 26.60
N ILE A 81 0.85 24.58 27.19
CA ILE A 81 -0.39 24.17 27.78
C ILE A 81 -0.81 25.16 28.92
N ASP A 82 0.14 25.55 29.72
CA ASP A 82 -0.11 26.52 30.81
C ASP A 82 -0.62 27.83 30.21
N ALA A 83 0.03 28.34 29.17
CA ALA A 83 -0.41 29.57 28.46
C ALA A 83 -1.75 29.43 27.80
N LEU A 84 -2.00 28.28 27.14
CA LEU A 84 -3.26 28.11 26.47
C LEU A 84 -4.41 27.85 27.45
N GLY A 85 -4.14 27.31 28.63
CA GLY A 85 -5.18 26.91 29.56
C GLY A 85 -5.85 25.58 29.24
N GLY A 86 -5.22 24.76 28.38
CA GLY A 86 -5.85 23.48 27.96
C GLY A 86 -5.03 22.96 26.78
N PHE A 87 -5.42 21.81 26.22
CA PHE A 87 -4.61 21.24 25.15
C PHE A 87 -5.43 20.13 24.52
N ASP A 88 -5.76 20.32 23.26
CA ASP A 88 -6.70 19.46 22.52
C ASP A 88 -6.02 18.84 21.32
N LEU A 89 -4.97 19.48 20.81
CA LEU A 89 -4.47 19.17 19.43
C LEU A 89 -3.02 19.43 19.29
N LEU A 90 -2.30 18.46 18.78
CA LEU A 90 -0.92 18.69 18.42
C LEU A 90 -0.73 18.48 16.93
N CYS A 91 -0.07 19.40 16.25
CA CYS A 91 0.37 19.19 14.87
C CYS A 91 1.90 19.20 14.96
N ALA A 92 2.49 18.01 14.81
CA ALA A 92 3.94 17.88 14.91
C ALA A 92 4.51 17.96 13.51
N ASN A 93 4.93 19.17 13.17
CA ASN A 93 5.42 19.53 11.86
C ASN A 93 6.90 19.70 11.65
N ALA A 94 7.69 19.97 12.71
CA ALA A 94 9.10 20.31 12.54
C ALA A 94 9.77 19.19 11.73
N GLY A 95 10.52 19.59 10.74
CA GLY A 95 11.37 18.64 9.97
C GLY A 95 12.48 19.31 9.24
N VAL A 96 13.48 18.52 8.86
CA VAL A 96 14.60 18.96 8.13
C VAL A 96 14.89 17.97 6.98
N SER A 97 15.74 18.41 6.07
CA SER A 97 16.29 17.48 5.07
C SER A 97 17.70 17.88 4.71
N THR A 98 18.47 16.93 4.18
CA THR A 98 19.70 17.23 3.43
C THR A 98 19.63 16.30 2.26
N MET A 99 20.28 16.64 1.19
CA MET A 99 20.31 15.78 -0.03
C MET A 99 21.67 15.32 -0.26
N ARG A 100 21.85 14.03 -0.59
CA ARG A 100 23.15 13.46 -0.80
C ARG A 100 23.00 12.08 -1.47
N PRO A 101 23.89 11.73 -2.38
CA PRO A 101 23.87 10.35 -2.84
C PRO A 101 24.00 9.39 -1.67
N ALA A 102 23.26 8.27 -1.74
CA ALA A 102 23.17 7.34 -0.64
C ALA A 102 24.55 6.85 -0.16
N VAL A 103 25.50 6.63 -1.09
CA VAL A 103 26.85 6.19 -0.68
C VAL A 103 27.66 7.22 0.06
N ASP A 104 27.22 8.48 0.04
CA ASP A 104 27.94 9.60 0.66
C ASP A 104 27.28 10.13 1.88
N ILE A 105 26.11 9.58 2.29
CA ILE A 105 25.43 10.12 3.47
C ILE A 105 26.34 10.01 4.68
N THR A 106 26.51 11.12 5.39
CA THR A 106 27.25 11.08 6.66
C THR A 106 26.42 10.66 7.82
N ASP A 107 27.09 10.17 8.89
CA ASP A 107 26.43 9.89 10.14
C ASP A 107 25.78 11.11 10.74
N GLU A 108 26.43 12.24 10.59
CA GLU A 108 25.88 13.49 11.10
C GLU A 108 24.57 13.88 10.47
N GLU A 109 24.45 13.71 9.16
CA GLU A 109 23.22 14.09 8.46
C GLU A 109 22.15 13.00 8.63
N TRP A 110 22.56 11.75 8.76
CA TRP A 110 21.62 10.67 9.15
C TRP A 110 20.97 11.05 10.46
N ASP A 111 21.82 11.34 11.46
CA ASP A 111 21.29 11.75 12.75
C ASP A 111 20.42 13.00 12.72
N PHE A 112 20.77 14.01 11.94
CA PHE A 112 20.01 15.27 11.86
C PHE A 112 18.64 14.97 11.37
N ASN A 113 18.56 14.21 10.28
CA ASN A 113 17.24 13.83 9.72
C ASN A 113 16.45 12.99 10.70
N PHE A 114 17.04 11.94 11.26
CA PHE A 114 16.27 11.13 12.23
C PHE A 114 15.85 11.84 13.50
N ASP A 115 16.78 12.61 14.05
CA ASP A 115 16.51 13.24 15.35
C ASP A 115 15.42 14.29 15.24
N VAL A 116 15.42 15.09 14.16
CA VAL A 116 14.31 15.98 14.00
C VAL A 116 13.03 15.29 13.58
N ASN A 117 13.16 14.57 12.46
CA ASN A 117 11.97 14.14 11.77
C ASN A 117 11.30 13.03 12.52
N ALA A 118 12.03 12.02 12.98
CA ALA A 118 11.40 10.86 13.60
C ALA A 118 11.33 11.00 15.13
N ARG A 119 12.49 11.27 15.74
CA ARG A 119 12.57 11.44 17.20
C ARG A 119 11.75 12.63 17.67
N GLY A 120 11.75 13.72 16.91
CA GLY A 120 11.00 14.90 17.26
C GLY A 120 9.53 14.67 17.21
N VAL A 121 9.06 13.82 16.26
CA VAL A 121 7.67 13.44 16.33
C VAL A 121 7.37 12.48 17.47
N PHE A 122 8.27 11.51 17.70
CA PHE A 122 8.11 10.63 18.85
C PHE A 122 7.94 11.40 20.20
N LEU A 123 8.84 12.33 20.44
CA LEU A 123 8.84 13.07 21.70
C LEU A 123 7.59 13.90 21.80
N ALA A 124 7.28 14.68 20.78
CA ALA A 124 6.08 15.50 20.81
C ALA A 124 4.81 14.72 20.99
N ASN A 125 4.68 13.63 20.23
CA ASN A 125 3.52 12.78 20.35
C ASN A 125 3.43 12.07 21.69
N GLN A 126 4.54 11.54 22.18
CA GLN A 126 4.53 10.78 23.43
C GLN A 126 4.08 11.71 24.61
N ILE A 127 4.70 12.90 24.64
CA ILE A 127 4.40 13.85 25.68
C ILE A 127 2.98 14.36 25.53
N ALA A 128 2.51 14.59 24.30
CA ALA A 128 1.14 14.98 24.11
C ALA A 128 0.17 13.95 24.67
N CYS A 129 0.36 12.68 24.34
CA CYS A 129 -0.55 11.65 24.78
C CYS A 129 -0.58 11.58 26.32
N ARG A 130 0.59 11.77 26.96
CA ARG A 130 0.68 11.77 28.43
C ARG A 130 -0.27 12.82 28.97
N HIS A 131 -0.27 13.99 28.32
CA HIS A 131 -1.11 15.10 28.76
C HIS A 131 -2.56 14.81 28.52
N PHE A 132 -2.90 14.29 27.35
CA PHE A 132 -4.26 13.96 27.04
C PHE A 132 -4.83 12.94 28.01
N LEU A 133 -4.05 11.90 28.29
CA LEU A 133 -4.56 10.83 29.12
C LEU A 133 -4.80 11.36 30.54
N ALA A 134 -3.92 12.21 30.98
CA ALA A 134 -3.97 12.72 32.40
C ALA A 134 -5.16 13.61 32.57
N SER A 135 -5.58 14.31 31.51
CA SER A 135 -6.75 15.20 31.57
C SER A 135 -8.06 14.65 30.98
N ASN A 136 -8.07 13.38 30.58
CA ASN A 136 -9.22 12.77 29.92
C ASN A 136 -9.69 13.52 28.72
N THR A 137 -8.78 13.83 27.82
CA THR A 137 -9.04 14.70 26.67
C THR A 137 -9.12 13.84 25.47
N LYS A 138 -10.16 14.04 24.68
CA LYS A 138 -10.31 13.48 23.33
C LYS A 138 -9.26 14.09 22.39
N GLY A 139 -8.02 13.82 22.63
CA GLY A 139 -6.97 14.57 21.94
C GLY A 139 -6.76 14.08 20.50
N VAL A 140 -6.15 14.94 19.73
CA VAL A 140 -5.88 14.64 18.27
C VAL A 140 -4.47 15.02 17.96
N ILE A 141 -3.80 14.17 17.17
CA ILE A 141 -2.45 14.44 16.64
C ILE A 141 -2.49 14.37 15.13
N VAL A 142 -1.91 15.37 14.48
CA VAL A 142 -1.60 15.31 13.04
C VAL A 142 -0.09 15.50 12.90
N ASN A 143 0.61 14.48 12.38
CA ASN A 143 2.02 14.57 12.13
C ASN A 143 2.29 14.92 10.64
N THR A 144 3.27 15.74 10.36
CA THR A 144 3.68 15.99 8.99
C THR A 144 4.74 14.99 8.53
N ALA A 145 4.32 14.02 7.69
CA ALA A 145 5.26 13.06 7.09
C ALA A 145 5.76 13.61 5.77
N SER A 146 5.55 12.90 4.68
CA SER A 146 6.07 13.33 3.38
C SER A 146 5.58 12.31 2.36
N LEU A 147 5.63 12.73 1.10
CA LEU A 147 5.54 11.82 -0.04
C LEU A 147 6.60 10.76 0.18
N ALA A 148 7.74 11.17 0.76
CA ALA A 148 8.87 10.21 0.97
C ALA A 148 8.63 9.25 2.11
N ALA A 149 7.50 9.30 2.82
CA ALA A 149 7.02 8.25 3.70
C ALA A 149 6.27 7.11 2.95
N LYS A 150 6.03 7.35 1.65
CA LYS A 150 5.29 6.42 0.81
C LYS A 150 6.13 5.84 -0.29
N VAL A 151 7.04 6.63 -0.83
CA VAL A 151 7.94 6.17 -1.90
C VAL A 151 9.35 6.59 -1.54
N GLY A 152 10.30 5.67 -1.46
CA GLY A 152 11.68 6.13 -1.26
C GLY A 152 12.22 7.03 -2.36
N ALA A 153 12.85 8.12 -2.00
CA ALA A 153 13.28 9.12 -2.95
C ALA A 153 14.82 9.12 -3.10
N PRO A 154 15.34 8.95 -4.31
CA PRO A 154 16.79 8.98 -4.51
C PRO A 154 17.34 10.37 -4.08
N LEU A 155 18.53 10.36 -3.50
CA LEU A 155 19.25 11.53 -2.99
C LEU A 155 18.69 11.91 -1.64
N LEU A 156 17.60 11.22 -1.24
CA LEU A 156 16.90 11.45 0.04
C LEU A 156 16.68 10.14 0.74
N ALA A 157 17.62 9.22 0.67
CA ALA A 157 17.39 7.88 1.24
C ALA A 157 17.23 7.89 2.77
N HIS A 158 18.09 8.69 3.42
CA HIS A 158 18.02 8.89 4.88
C HIS A 158 16.77 9.67 5.27
N TYR A 159 16.44 10.71 4.50
CA TYR A 159 15.24 11.50 4.73
C TYR A 159 13.96 10.65 4.59
N SER A 160 13.94 9.83 3.53
CA SER A 160 12.88 8.88 3.30
C SER A 160 12.73 7.88 4.45
N ALA A 161 13.81 7.30 4.88
CA ALA A 161 13.79 6.35 6.00
C ALA A 161 13.20 7.03 7.25
N SER A 162 13.57 8.28 7.48
CA SER A 162 13.05 9.02 8.69
C SER A 162 11.61 9.33 8.57
N LYS A 163 11.14 9.56 7.34
CA LYS A 163 9.72 9.86 7.12
C LYS A 163 8.85 8.60 7.09
N PHE A 164 9.40 7.51 6.56
CA PHE A 164 8.76 6.20 6.79
C PHE A 164 8.56 5.95 8.27
N ALA A 165 9.60 6.24 9.05
CA ALA A 165 9.48 6.05 10.49
C ALA A 165 8.32 6.83 11.11
N VAL A 166 8.11 8.06 10.68
CA VAL A 166 7.04 8.88 11.18
C VAL A 166 5.72 8.22 10.91
N PHE A 167 5.55 7.66 9.71
CA PHE A 167 4.26 7.03 9.37
C PHE A 167 4.07 5.76 10.19
N GLY A 168 5.11 4.95 10.35
CA GLY A 168 4.98 3.72 11.13
C GLY A 168 4.69 3.97 12.61
N TRP A 169 5.42 4.90 13.22
CA TRP A 169 5.05 5.45 14.53
C TRP A 169 3.62 5.88 14.57
N THR A 170 3.20 6.64 13.58
CA THR A 170 1.81 7.13 13.54
C THR A 170 0.80 5.97 13.61
N GLN A 171 1.02 4.94 12.78
CA GLN A 171 0.09 3.82 12.79
C GLN A 171 0.07 3.07 14.10
N ALA A 172 1.24 2.83 14.68
CA ALA A 172 1.31 2.03 15.89
C ALA A 172 0.72 2.80 17.07
N LEU A 173 1.04 4.08 17.17
CA LEU A 173 0.51 4.93 18.22
C LEU A 173 -1.00 5.06 18.06
N ALA A 174 -1.47 5.17 16.83
CA ALA A 174 -2.90 5.25 16.62
C ALA A 174 -3.62 4.02 17.22
N ARG A 175 -3.06 2.83 16.99
CA ARG A 175 -3.67 1.58 17.46
C ARG A 175 -3.71 1.57 18.99
N GLU A 176 -2.67 2.07 19.64
CA GLU A 176 -2.64 2.14 21.11
C GLU A 176 -3.57 3.18 21.65
N MET A 177 -3.73 4.31 20.95
CA MET A 177 -4.48 5.37 21.51
C MET A 177 -5.95 5.32 21.15
N ALA A 178 -6.36 4.52 20.16
CA ALA A 178 -7.71 4.55 19.66
C ALA A 178 -8.73 4.16 20.77
N PRO A 179 -8.38 3.18 21.59
CA PRO A 179 -9.32 2.85 22.70
C PRO A 179 -9.54 3.93 23.72
N LYS A 180 -8.64 4.90 23.76
CA LYS A 180 -8.69 6.02 24.68
C LYS A 180 -9.16 7.32 23.97
N ASN A 181 -9.74 7.20 22.80
CA ASN A 181 -10.48 8.30 22.21
C ASN A 181 -9.50 9.37 21.65
N ILE A 182 -8.25 8.97 21.39
CA ILE A 182 -7.27 9.89 20.88
C ILE A 182 -6.92 9.44 19.48
N ARG A 183 -7.02 10.34 18.53
CA ARG A 183 -6.72 10.02 17.07
C ARG A 183 -5.34 10.53 16.70
N VAL A 184 -4.64 9.80 15.83
CA VAL A 184 -3.29 10.12 15.44
C VAL A 184 -3.19 9.84 13.92
N ASN A 185 -3.01 10.86 13.11
CA ASN A 185 -2.87 10.69 11.66
C ASN A 185 -1.68 11.44 11.19
N CYS A 186 -1.27 11.23 9.94
CA CYS A 186 -0.26 12.07 9.36
C CYS A 186 -0.67 12.47 7.97
N VAL A 187 -0.09 13.55 7.48
CA VAL A 187 -0.24 14.08 6.10
C VAL A 187 1.09 13.90 5.35
N CYS A 188 0.98 13.53 4.10
CA CYS A 188 2.13 13.28 3.25
C CYS A 188 2.14 14.26 2.08
N PRO A 189 2.78 15.41 2.24
CA PRO A 189 2.80 16.42 1.20
C PRO A 189 3.69 16.05 0.03
N GLY A 190 3.40 16.66 -1.12
CA GLY A 190 4.18 16.46 -2.33
C GLY A 190 5.22 17.57 -2.46
N PHE A 191 5.25 18.23 -3.62
CA PHE A 191 6.38 19.11 -3.93
C PHE A 191 5.96 20.54 -3.53
N VAL A 192 6.12 20.89 -2.26
CA VAL A 192 5.60 22.14 -1.74
C VAL A 192 6.61 23.27 -1.79
N LYS A 193 6.16 24.38 -2.34
CA LYS A 193 7.04 25.56 -2.52
C LYS A 193 7.24 26.34 -1.21
N THR A 194 8.37 26.07 -0.59
CA THR A 194 8.81 26.72 0.66
C THR A 194 10.34 26.87 0.56
N ALA A 195 11.04 27.26 1.66
CA ALA A 195 12.53 27.33 1.59
C ALA A 195 13.19 25.91 1.49
N MET A 196 12.57 24.90 2.09
CA MET A 196 13.03 23.50 1.84
C MET A 196 13.09 23.16 0.35
N GLN A 197 12.07 23.60 -0.39
CA GLN A 197 12.07 23.38 -1.79
C GLN A 197 13.14 24.25 -2.48
N GLU A 198 13.26 25.54 -2.15
CA GLU A 198 14.24 26.41 -2.87
C GLU A 198 15.63 25.89 -2.71
N ARG A 199 15.92 25.35 -1.50
CA ARG A 199 17.19 24.69 -1.21
C ARG A 199 17.40 23.47 -1.98
N GLU A 200 16.41 22.60 -1.93
CA GLU A 200 16.50 21.27 -2.52
C GLU A 200 16.67 21.41 -4.01
N ILE A 201 15.93 22.34 -4.62
CA ILE A 201 15.94 22.52 -6.09
C ILE A 201 17.41 22.78 -6.52
N ILE A 202 18.09 23.60 -5.73
CA ILE A 202 19.54 23.87 -5.98
C ILE A 202 20.44 22.69 -5.75
N TRP A 203 20.34 22.02 -4.62
CA TRP A 203 21.15 20.84 -4.36
C TRP A 203 20.90 19.79 -5.41
N GLU A 204 19.63 19.53 -5.72
CA GLU A 204 19.29 18.49 -6.65
C GLU A 204 19.82 18.82 -8.04
N ALA A 205 19.70 20.09 -8.41
CA ALA A 205 20.20 20.56 -9.72
C ALA A 205 21.72 20.32 -9.83
N GLU A 206 22.43 20.65 -8.77
CA GLU A 206 23.90 20.39 -8.78
C GLU A 206 24.23 18.90 -8.83
N LEU A 207 23.53 18.08 -8.05
CA LEU A 207 23.82 16.67 -8.03
C LEU A 207 23.46 15.99 -9.29
N ARG A 208 22.42 16.49 -9.97
CA ARG A 208 21.96 15.87 -11.22
C ARG A 208 22.46 16.55 -12.51
N GLY A 209 23.15 17.66 -12.40
CA GLY A 209 23.72 18.31 -13.59
C GLY A 209 22.68 19.06 -14.38
N MET A 210 21.69 19.62 -13.71
CA MET A 210 20.55 20.26 -14.35
C MET A 210 20.45 21.69 -13.81
N THR A 211 19.57 22.50 -14.41
CA THR A 211 19.28 23.77 -13.84
C THR A 211 18.25 23.64 -12.72
N PRO A 212 18.30 24.58 -11.76
CA PRO A 212 17.21 24.70 -10.77
C PRO A 212 15.77 24.78 -11.38
N GLU A 213 15.54 25.61 -12.42
CA GLU A 213 14.27 25.82 -13.17
C GLU A 213 13.81 24.44 -13.74
N ALA A 214 14.73 23.69 -14.29
CA ALA A 214 14.39 22.42 -14.90
C ALA A 214 14.02 21.42 -13.85
N VAL A 215 14.64 21.49 -12.68
CA VAL A 215 14.31 20.57 -11.61
C VAL A 215 12.90 20.86 -11.14
N ARG A 216 12.65 22.15 -10.92
CA ARG A 216 11.29 22.58 -10.53
C ARG A 216 10.23 22.20 -11.60
N ALA A 217 10.56 22.41 -12.87
CA ALA A 217 9.67 22.01 -13.97
C ALA A 217 9.35 20.52 -13.97
N GLU A 218 10.33 19.71 -13.63
CA GLU A 218 10.20 18.27 -13.60
C GLU A 218 9.23 17.89 -12.49
N TYR A 219 9.31 18.54 -11.34
CA TYR A 219 8.33 18.31 -10.28
C TYR A 219 6.91 18.63 -10.79
N VAL A 220 6.72 19.76 -11.47
CA VAL A 220 5.41 20.09 -11.99
C VAL A 220 4.92 19.04 -12.97
N SER A 221 5.83 18.60 -13.83
CA SER A 221 5.50 17.60 -14.84
C SER A 221 5.02 16.27 -14.30
N LEU A 222 5.58 15.92 -13.16
CA LEU A 222 5.27 14.73 -12.44
C LEU A 222 3.94 14.83 -11.64
N THR A 223 3.37 16.02 -11.56
CA THR A 223 2.16 16.28 -10.71
C THR A 223 0.95 16.31 -11.63
N PRO A 224 0.03 15.38 -11.45
CA PRO A 224 -1.13 15.39 -12.34
C PRO A 224 -1.92 16.65 -12.32
N LEU A 225 -2.12 17.26 -11.17
CA LEU A 225 -2.88 18.50 -11.14
C LEU A 225 -2.09 19.68 -11.73
N GLY A 226 -0.84 19.51 -12.07
CA GLY A 226 -0.15 20.44 -12.95
C GLY A 226 0.33 21.77 -12.39
N ARG A 227 0.61 21.83 -11.10
CA ARG A 227 1.23 22.97 -10.53
C ARG A 227 2.00 22.55 -9.30
N ILE A 228 2.92 23.42 -8.87
CA ILE A 228 3.71 23.17 -7.67
C ILE A 228 2.74 23.33 -6.52
N GLU A 229 2.98 22.61 -5.43
CA GLU A 229 2.06 22.65 -4.31
C GLU A 229 2.39 23.87 -3.41
N GLU A 230 1.38 24.40 -2.73
CA GLU A 230 1.58 25.49 -1.74
C GLU A 230 1.39 24.95 -0.34
N PRO A 231 1.98 25.65 0.67
CA PRO A 231 1.70 25.29 2.04
C PRO A 231 0.24 25.17 2.41
N GLU A 232 -0.59 26.07 1.87
CA GLU A 232 -2.00 26.11 2.19
C GLU A 232 -2.76 24.84 1.73
N ASP A 233 -2.24 24.21 0.68
CA ASP A 233 -2.82 22.93 0.18
C ASP A 233 -2.75 21.85 1.24
N VAL A 234 -1.66 21.84 2.00
CA VAL A 234 -1.45 20.91 3.06
C VAL A 234 -2.24 21.35 4.31
N ALA A 235 -2.14 22.65 4.66
CA ALA A 235 -2.67 23.12 5.93
C ALA A 235 -4.18 22.85 6.01
N ASP A 236 -4.86 23.03 4.89
CA ASP A 236 -6.34 22.84 4.92
C ASP A 236 -6.73 21.37 5.20
N VAL A 237 -5.92 20.40 4.75
CA VAL A 237 -6.15 19.01 5.03
C VAL A 237 -5.84 18.73 6.49
N VAL A 238 -4.83 19.36 7.02
CA VAL A 238 -4.52 19.27 8.46
C VAL A 238 -5.74 19.73 9.29
N VAL A 239 -6.32 20.87 8.91
CA VAL A 239 -7.54 21.31 9.54
C VAL A 239 -8.61 20.23 9.54
N PHE A 240 -8.87 19.63 8.36
CA PHE A 240 -9.80 18.57 8.31
C PHE A 240 -9.43 17.43 9.27
N LEU A 241 -8.18 16.92 9.28
CA LEU A 241 -7.81 15.84 10.15
C LEU A 241 -7.92 16.13 11.64
N ALA A 242 -7.75 17.38 11.98
CA ALA A 242 -7.88 17.88 13.38
C ALA A 242 -9.33 17.84 13.83
N SER A 243 -10.22 18.03 12.86
CA SER A 243 -11.65 18.29 13.06
C SER A 243 -12.44 17.02 13.32
N ASP A 244 -13.66 17.21 13.80
CA ASP A 244 -14.50 16.08 14.09
C ASP A 244 -15.09 15.41 12.83
N ALA A 245 -14.86 16.08 11.66
CA ALA A 245 -15.24 15.51 10.38
C ALA A 245 -14.42 14.21 10.16
N ALA A 246 -13.26 14.19 10.79
CA ALA A 246 -12.35 13.03 10.72
C ALA A 246 -12.40 12.11 11.94
N ARG A 247 -13.50 12.17 12.69
CA ARG A 247 -13.65 11.42 13.92
C ARG A 247 -13.54 9.94 13.82
N PHE A 248 -13.74 9.39 12.60
CA PHE A 248 -13.64 7.95 12.45
C PHE A 248 -12.42 7.58 11.57
N MET A 249 -11.42 8.42 11.62
CA MET A 249 -10.15 8.17 10.90
C MET A 249 -8.97 8.22 11.85
N THR A 250 -8.11 7.20 11.88
CA THR A 250 -6.91 7.23 12.70
C THR A 250 -5.91 6.28 12.12
N GLY A 251 -4.66 6.64 12.27
CA GLY A 251 -3.55 5.90 11.78
C GLY A 251 -3.25 6.08 10.29
N GLN A 252 -3.82 7.06 9.66
CA GLN A 252 -3.70 7.26 8.18
C GLN A 252 -2.49 8.09 7.78
N GLY A 253 -2.03 7.92 6.53
CA GLY A 253 -1.04 8.79 5.86
C GLY A 253 -1.76 9.40 4.68
N ILE A 254 -2.42 10.51 4.92
CA ILE A 254 -3.17 11.17 3.88
C ILE A 254 -2.24 11.89 2.89
N ASN A 255 -2.27 11.44 1.64
CA ASN A 255 -1.53 12.07 0.59
C ASN A 255 -2.15 13.38 0.24
N VAL A 256 -1.31 14.40 0.12
CA VAL A 256 -1.71 15.71 -0.36
C VAL A 256 -0.63 16.11 -1.34
N THR A 257 -0.73 15.58 -2.56
CA THR A 257 0.39 15.58 -3.53
C THR A 257 -0.06 15.99 -4.95
N GLY A 258 -1.34 16.35 -5.13
CA GLY A 258 -1.77 16.66 -6.44
C GLY A 258 -1.85 15.47 -7.42
N GLY A 259 -2.01 14.26 -6.88
CA GLY A 259 -2.11 13.02 -7.62
C GLY A 259 -0.80 12.29 -7.85
N VAL A 260 0.26 12.75 -7.29
CA VAL A 260 1.60 12.10 -7.46
C VAL A 260 1.65 10.75 -6.86
N ARG A 261 1.03 10.59 -5.70
CA ARG A 261 0.98 9.31 -5.02
C ARG A 261 -0.44 9.06 -4.62
N MET A 262 -0.96 7.86 -4.93
CA MET A 262 -2.33 7.49 -4.61
C MET A 262 -2.37 6.23 -3.71
N ASP A 263 -3.04 6.27 -2.57
CA ASP A 263 -3.19 5.17 -1.68
C ASP A 263 -4.64 5.12 -1.09
N ILE B 7 -13.45 27.41 3.56
CA ILE B 7 -12.91 26.41 2.60
C ILE B 7 -13.67 25.06 2.63
N PHE B 8 -14.44 24.76 3.65
CA PHE B 8 -15.28 23.54 3.60
C PHE B 8 -16.66 23.81 3.00
N ASP B 9 -16.90 25.02 2.54
CA ASP B 9 -18.28 25.44 2.08
C ASP B 9 -18.55 24.86 0.70
N LEU B 10 -19.80 24.42 0.46
CA LEU B 10 -20.26 23.90 -0.82
C LEU B 10 -21.37 24.77 -1.40
N SER B 11 -21.50 25.98 -0.80
CA SER B 11 -22.55 26.90 -1.26
C SER B 11 -22.55 27.09 -2.76
N GLY B 12 -23.70 26.95 -3.40
CA GLY B 12 -23.80 27.20 -4.82
C GLY B 12 -23.50 25.99 -5.69
N ARG B 13 -22.90 24.97 -5.12
CA ARG B 13 -22.53 23.78 -5.92
C ARG B 13 -23.76 22.89 -6.14
N LYS B 14 -23.73 22.22 -7.28
CA LYS B 14 -24.82 21.39 -7.72
C LYS B 14 -24.29 19.96 -7.75
N ALA B 15 -24.91 19.10 -6.98
CA ALA B 15 -24.45 17.78 -6.75
C ALA B 15 -25.40 16.71 -7.22
N ILE B 16 -24.89 15.58 -7.71
CA ILE B 16 -25.73 14.40 -7.98
C ILE B 16 -25.17 13.28 -7.09
N VAL B 17 -26.04 12.53 -6.39
CA VAL B 17 -25.59 11.43 -5.56
C VAL B 17 -26.29 10.18 -6.08
N THR B 18 -25.58 9.20 -6.62
CA THR B 18 -26.23 8.01 -7.08
C THR B 18 -26.34 7.12 -5.84
N GLY B 19 -27.44 6.35 -5.73
CA GLY B 19 -27.68 5.53 -4.54
C GLY B 19 -27.89 6.32 -3.29
N GLY B 20 -28.49 7.53 -3.46
CA GLY B 20 -28.69 8.42 -2.37
C GLY B 20 -29.96 8.27 -1.54
N SER B 21 -30.76 7.28 -1.85
CA SER B 21 -32.02 7.10 -1.15
C SER B 21 -31.94 6.65 0.26
N LYS B 22 -30.88 5.93 0.61
CA LYS B 22 -30.83 5.16 1.88
C LYS B 22 -29.38 5.09 2.30
N GLY B 23 -29.20 4.77 3.58
CA GLY B 23 -27.87 4.42 4.04
C GLY B 23 -26.82 5.49 3.94
N ILE B 24 -25.62 5.08 3.51
CA ILE B 24 -24.55 6.02 3.35
C ILE B 24 -24.88 7.10 2.33
N GLY B 25 -25.56 6.72 1.24
CA GLY B 25 -25.90 7.68 0.24
C GLY B 25 -26.80 8.78 0.73
N ALA B 26 -27.79 8.41 1.51
CA ALA B 26 -28.68 9.44 2.05
C ALA B 26 -27.93 10.36 2.98
N ALA B 27 -27.04 9.80 3.80
CA ALA B 27 -26.21 10.64 4.70
C ALA B 27 -25.28 11.56 3.91
N ILE B 28 -24.72 11.07 2.80
CA ILE B 28 -23.98 11.95 1.90
C ILE B 28 -24.82 13.11 1.38
N ALA B 29 -26.04 12.82 0.96
CA ALA B 29 -26.84 13.84 0.36
C ALA B 29 -27.15 14.91 1.44
N ARG B 30 -27.52 14.40 2.62
CA ARG B 30 -27.83 15.33 3.74
C ARG B 30 -26.66 16.20 4.12
N ALA B 31 -25.47 15.61 4.15
CA ALA B 31 -24.29 16.38 4.47
C ALA B 31 -23.85 17.38 3.43
N LEU B 32 -23.94 17.02 2.15
CA LEU B 32 -23.62 17.91 1.09
C LEU B 32 -24.55 19.10 1.19
N ASP B 33 -25.83 18.82 1.42
CA ASP B 33 -26.81 19.87 1.51
C ASP B 33 -26.47 20.81 2.72
N LYS B 34 -26.20 20.21 3.88
CA LYS B 34 -25.86 21.00 5.06
C LYS B 34 -24.69 21.90 4.77
N ALA B 35 -23.74 21.45 3.95
CA ALA B 35 -22.58 22.25 3.57
C ALA B 35 -22.83 23.29 2.51
N GLY B 36 -24.05 23.34 1.96
CA GLY B 36 -24.38 24.43 1.07
C GLY B 36 -24.80 23.98 -0.31
N ALA B 37 -24.63 22.67 -0.63
CA ALA B 37 -24.91 22.23 -1.97
C ALA B 37 -26.44 22.06 -2.19
N THR B 38 -26.84 22.12 -3.45
CA THR B 38 -28.13 21.63 -3.90
C THR B 38 -27.97 20.26 -4.55
N VAL B 39 -28.75 19.30 -4.08
CA VAL B 39 -28.49 17.88 -4.35
C VAL B 39 -29.61 17.23 -5.15
N ALA B 40 -29.24 16.56 -6.22
CA ALA B 40 -30.09 15.64 -6.86
C ALA B 40 -29.74 14.24 -6.49
N ILE B 41 -30.74 13.44 -6.12
CA ILE B 41 -30.54 12.04 -5.74
C ILE B 41 -31.03 11.16 -6.87
N ALA B 42 -30.17 10.28 -7.39
CA ALA B 42 -30.56 9.34 -8.48
C ALA B 42 -30.47 7.97 -7.89
N ASP B 43 -31.59 7.23 -7.94
CA ASP B 43 -31.67 6.02 -7.19
C ASP B 43 -32.68 5.09 -7.80
N LEU B 44 -32.54 3.76 -7.59
CA LEU B 44 -33.51 2.78 -8.09
C LEU B 44 -34.85 3.09 -7.45
N ASP B 45 -34.82 3.59 -6.20
CA ASP B 45 -36.01 3.87 -5.40
C ASP B 45 -36.28 5.36 -5.35
N VAL B 46 -36.99 5.84 -6.36
CA VAL B 46 -37.18 7.28 -6.48
C VAL B 46 -38.15 7.85 -5.45
N MET B 47 -39.04 7.01 -4.96
CA MET B 47 -39.90 7.42 -3.83
C MET B 47 -39.09 7.70 -2.54
N ALA B 48 -38.17 6.83 -2.21
CA ALA B 48 -37.29 7.07 -1.07
C ALA B 48 -36.41 8.28 -1.31
N ALA B 49 -35.94 8.49 -2.54
CA ALA B 49 -35.26 9.74 -2.84
C ALA B 49 -36.01 11.00 -2.58
N GLN B 50 -37.30 11.04 -2.91
CA GLN B 50 -38.09 12.22 -2.66
C GLN B 50 -38.22 12.52 -1.16
N ALA B 51 -38.29 11.50 -0.40
CA ALA B 51 -38.36 11.65 1.07
C ALA B 51 -37.13 12.30 1.62
N VAL B 52 -35.96 11.85 1.12
CA VAL B 52 -34.74 12.51 1.56
C VAL B 52 -34.75 13.95 1.13
N VAL B 53 -35.15 14.23 -0.11
CA VAL B 53 -35.11 15.60 -0.64
C VAL B 53 -35.96 16.51 0.22
N ALA B 54 -37.05 15.95 0.70
CA ALA B 54 -37.99 16.76 1.56
C ALA B 54 -37.35 17.38 2.75
N GLY B 55 -36.29 16.74 3.28
CA GLY B 55 -35.62 17.34 4.41
C GLY B 55 -34.40 18.20 4.09
N LEU B 56 -34.09 18.42 2.84
CA LEU B 56 -32.89 19.18 2.52
C LEU B 56 -33.16 20.67 2.57
N GLU B 57 -32.20 21.48 2.98
CA GLU B 57 -32.43 22.91 3.13
C GLU B 57 -32.44 23.67 1.85
N ASN B 58 -31.68 23.20 0.85
CA ASN B 58 -31.52 23.94 -0.38
C ASN B 58 -32.38 23.40 -1.47
N GLY B 59 -33.31 22.57 -1.10
CA GLY B 59 -34.18 21.99 -2.09
C GLY B 59 -33.50 20.80 -2.64
N GLY B 60 -33.89 20.34 -3.83
CA GLY B 60 -33.25 19.21 -4.44
C GLY B 60 -34.16 18.56 -5.45
N PHE B 61 -33.72 17.44 -5.96
CA PHE B 61 -34.39 16.74 -7.00
C PHE B 61 -34.19 15.25 -6.82
N ALA B 62 -35.22 14.46 -7.11
CA ALA B 62 -35.19 12.98 -7.10
C ALA B 62 -35.43 12.49 -8.48
N VAL B 63 -34.57 11.59 -8.92
CA VAL B 63 -34.66 10.96 -10.24
C VAL B 63 -34.38 9.44 -10.15
N GLU B 64 -35.15 8.67 -10.90
CA GLU B 64 -34.93 7.23 -10.96
C GLU B 64 -33.78 6.88 -11.90
N VAL B 65 -32.99 5.91 -11.45
CA VAL B 65 -31.86 5.44 -12.26
C VAL B 65 -31.60 3.99 -11.93
N ASP B 66 -31.10 3.28 -12.93
CA ASP B 66 -30.56 1.94 -12.71
C ASP B 66 -29.11 2.07 -13.20
N VAL B 67 -28.15 2.14 -12.26
CA VAL B 67 -26.83 2.46 -12.63
C VAL B 67 -26.12 1.36 -13.40
N THR B 68 -26.74 0.19 -13.58
CA THR B 68 -26.16 -0.85 -14.42
C THR B 68 -26.36 -0.62 -15.93
N LYS B 69 -27.17 0.38 -16.34
CA LYS B 69 -27.56 0.51 -17.69
C LYS B 69 -27.16 1.92 -18.19
N ARG B 70 -26.31 2.00 -19.20
CA ARG B 70 -25.88 3.29 -19.78
C ARG B 70 -27.00 4.24 -20.18
N ALA B 71 -27.99 3.73 -20.85
CA ALA B 71 -29.13 4.62 -21.21
C ALA B 71 -29.83 5.23 -20.01
N SER B 72 -30.01 4.46 -18.96
CA SER B 72 -30.63 4.96 -17.75
C SER B 72 -29.81 6.04 -17.09
N VAL B 73 -28.52 5.77 -16.94
CA VAL B 73 -27.59 6.74 -16.28
C VAL B 73 -27.54 8.02 -17.13
N ASP B 74 -27.48 7.89 -18.45
CA ASP B 74 -27.40 9.11 -19.30
C ASP B 74 -28.64 9.91 -19.11
N ALA B 75 -29.78 9.21 -19.14
CA ALA B 75 -31.04 10.00 -19.01
C ALA B 75 -31.24 10.66 -17.64
N ALA B 76 -30.97 9.88 -16.61
CA ALA B 76 -31.01 10.40 -15.20
C ALA B 76 -30.11 11.55 -14.97
N MET B 77 -28.87 11.46 -15.47
CA MET B 77 -27.95 12.55 -15.28
C MET B 77 -28.35 13.80 -15.96
N GLN B 78 -28.80 13.66 -17.19
CA GLN B 78 -29.26 14.85 -17.94
C GLN B 78 -30.46 15.48 -17.24
N LYS B 79 -31.41 14.68 -16.76
CA LYS B 79 -32.58 15.23 -16.09
C LYS B 79 -32.21 15.97 -14.83
N ALA B 80 -31.21 15.43 -14.10
CA ALA B 80 -30.78 16.04 -12.89
C ALA B 80 -30.06 17.35 -13.16
N ILE B 81 -29.18 17.34 -14.14
CA ILE B 81 -28.43 18.51 -14.48
C ILE B 81 -29.39 19.64 -14.94
N ASP B 82 -30.35 19.27 -15.75
CA ASP B 82 -31.38 20.22 -16.18
C ASP B 82 -32.09 20.80 -14.98
N ALA B 83 -32.55 19.96 -14.04
CA ALA B 83 -33.24 20.42 -12.81
C ALA B 83 -32.38 21.27 -11.94
N LEU B 84 -31.13 20.86 -11.74
CA LEU B 84 -30.25 21.62 -10.90
C LEU B 84 -29.83 22.99 -11.48
N GLY B 85 -29.82 23.13 -12.79
CA GLY B 85 -29.26 24.27 -13.49
C GLY B 85 -27.77 24.38 -13.48
N GLY B 86 -27.10 23.24 -13.25
CA GLY B 86 -25.68 23.13 -13.38
C GLY B 86 -25.20 21.83 -12.71
N PHE B 87 -23.89 21.65 -12.64
CA PHE B 87 -23.37 20.34 -12.21
C PHE B 87 -21.88 20.41 -11.92
N ASP B 88 -21.53 20.26 -10.65
CA ASP B 88 -20.21 20.47 -10.10
C ASP B 88 -19.64 19.26 -9.41
N LEU B 89 -20.48 18.35 -8.96
CA LEU B 89 -20.06 17.28 -8.03
C LEU B 89 -20.89 16.06 -8.23
N LEU B 90 -20.23 14.91 -8.42
CA LEU B 90 -20.89 13.58 -8.43
C LEU B 90 -20.36 12.78 -7.26
N CYS B 91 -21.27 12.18 -6.47
CA CYS B 91 -20.91 11.20 -5.45
C CYS B 91 -21.55 9.90 -5.94
N ALA B 92 -20.71 8.96 -6.42
CA ALA B 92 -21.23 7.72 -6.98
C ALA B 92 -21.20 6.68 -5.93
N ASN B 93 -22.37 6.47 -5.30
CA ASN B 93 -22.48 5.69 -4.08
C ASN B 93 -23.23 4.38 -4.20
N ALA B 94 -24.06 4.19 -5.25
CA ALA B 94 -24.86 3.00 -5.41
C ALA B 94 -23.94 1.74 -5.36
N GLY B 95 -24.31 0.77 -4.54
CA GLY B 95 -23.57 -0.47 -4.49
C GLY B 95 -24.43 -1.54 -3.83
N VAL B 96 -24.02 -2.78 -4.03
CA VAL B 96 -24.71 -3.95 -3.55
C VAL B 96 -23.65 -4.92 -3.06
N SER B 97 -24.11 -5.95 -2.39
CA SER B 97 -23.23 -7.11 -2.00
C SER B 97 -24.09 -8.38 -1.93
N THR B 98 -23.47 -9.53 -2.13
CA THR B 98 -24.00 -10.78 -1.65
C THR B 98 -22.82 -11.46 -0.99
N MET B 99 -23.12 -12.43 -0.16
CA MET B 99 -22.09 -13.15 0.58
C MET B 99 -22.15 -14.62 0.25
N ARG B 100 -21.00 -15.24 0.03
CA ARG B 100 -20.99 -16.60 -0.40
C ARG B 100 -19.55 -17.13 -0.31
N PRO B 101 -19.38 -18.40 0.10
CA PRO B 101 -18.03 -19.00 -0.01
C PRO B 101 -17.57 -18.90 -1.44
N ALA B 102 -16.29 -18.65 -1.62
CA ALA B 102 -15.76 -18.45 -2.95
C ALA B 102 -16.04 -19.57 -3.96
N VAL B 103 -16.02 -20.83 -3.49
CA VAL B 103 -16.22 -21.94 -4.37
C VAL B 103 -17.64 -22.02 -4.82
N ASP B 104 -18.57 -21.27 -4.19
CA ASP B 104 -19.98 -21.38 -4.52
C ASP B 104 -20.53 -20.14 -5.16
N ILE B 105 -19.71 -19.10 -5.39
CA ILE B 105 -20.23 -17.87 -6.00
C ILE B 105 -20.79 -18.15 -7.39
N THR B 106 -22.02 -17.68 -7.65
CA THR B 106 -22.61 -17.84 -8.91
C THR B 106 -22.27 -16.80 -9.92
N ASP B 107 -22.35 -17.11 -11.20
CA ASP B 107 -22.11 -16.08 -12.23
C ASP B 107 -23.10 -14.95 -12.07
N GLU B 108 -24.34 -15.27 -11.72
CA GLU B 108 -25.35 -14.26 -11.50
C GLU B 108 -24.97 -13.23 -10.44
N GLU B 109 -24.41 -13.67 -9.32
CA GLU B 109 -24.05 -12.73 -8.29
C GLU B 109 -22.70 -12.08 -8.53
N TRP B 110 -21.80 -12.76 -9.23
CA TRP B 110 -20.58 -12.07 -9.76
C TRP B 110 -21.00 -10.88 -10.63
N ASP B 111 -21.90 -11.10 -11.59
CA ASP B 111 -22.38 -10.03 -12.40
C ASP B 111 -23.16 -8.97 -11.66
N PHE B 112 -23.97 -9.34 -10.66
CA PHE B 112 -24.73 -8.35 -9.87
C PHE B 112 -23.78 -7.38 -9.15
N ASN B 113 -22.79 -7.93 -8.46
CA ASN B 113 -21.78 -7.13 -7.80
C ASN B 113 -20.98 -6.24 -8.77
N PHE B 114 -20.48 -6.82 -9.86
CA PHE B 114 -19.75 -6.04 -10.84
C PHE B 114 -20.57 -5.01 -11.56
N ASP B 115 -21.78 -5.39 -11.99
CA ASP B 115 -22.57 -4.47 -12.73
C ASP B 115 -22.99 -3.26 -11.89
N VAL B 116 -23.40 -3.45 -10.65
CA VAL B 116 -23.71 -2.28 -9.83
C VAL B 116 -22.45 -1.57 -9.37
N ASN B 117 -21.54 -2.33 -8.74
CA ASN B 117 -20.45 -1.63 -8.01
C ASN B 117 -19.40 -1.04 -8.91
N ALA B 118 -19.02 -1.78 -9.91
CA ALA B 118 -17.94 -1.29 -10.80
C ALA B 118 -18.46 -0.60 -12.03
N ARG B 119 -19.35 -1.24 -12.79
CA ARG B 119 -19.93 -0.67 -13.98
C ARG B 119 -20.78 0.55 -13.65
N GLY B 120 -21.43 0.54 -12.51
CA GLY B 120 -22.25 1.67 -12.12
C GLY B 120 -21.45 2.95 -11.80
N VAL B 121 -20.28 2.71 -11.18
CA VAL B 121 -19.34 3.77 -10.99
C VAL B 121 -18.73 4.25 -12.29
N PHE B 122 -18.29 3.31 -13.15
CA PHE B 122 -17.80 3.65 -14.43
C PHE B 122 -18.80 4.57 -15.22
N LEU B 123 -20.03 4.15 -15.34
CA LEU B 123 -20.93 4.83 -16.17
C LEU B 123 -21.21 6.23 -15.58
N ALA B 124 -21.59 6.30 -14.31
CA ALA B 124 -21.80 7.59 -13.73
C ALA B 124 -20.61 8.56 -13.84
N ASN B 125 -19.41 8.02 -13.57
CA ASN B 125 -18.18 8.81 -13.68
C ASN B 125 -17.90 9.25 -15.09
N GLN B 126 -18.00 8.33 -16.03
CA GLN B 126 -17.69 8.64 -17.44
C GLN B 126 -18.62 9.72 -17.98
N ILE B 127 -19.88 9.52 -17.73
CA ILE B 127 -20.91 10.51 -18.14
C ILE B 127 -20.72 11.88 -17.43
N ALA B 128 -20.41 11.85 -16.14
CA ALA B 128 -20.11 13.07 -15.37
C ALA B 128 -18.98 13.81 -16.04
N CYS B 129 -17.87 13.11 -16.32
CA CYS B 129 -16.73 13.80 -16.93
C CYS B 129 -17.04 14.36 -18.27
N ARG B 130 -17.82 13.64 -19.09
CA ARG B 130 -18.28 14.23 -20.34
C ARG B 130 -19.01 15.57 -20.16
N HIS B 131 -19.89 15.62 -19.17
CA HIS B 131 -20.59 16.88 -18.86
C HIS B 131 -19.62 17.95 -18.37
N PHE B 132 -18.76 17.59 -17.44
CA PHE B 132 -17.84 18.57 -16.93
C PHE B 132 -17.00 19.14 -18.04
N LEU B 133 -16.48 18.28 -18.90
CA LEU B 133 -15.59 18.78 -19.94
C LEU B 133 -16.36 19.69 -20.92
N ALA B 134 -17.59 19.34 -21.20
CA ALA B 134 -18.37 20.07 -22.19
C ALA B 134 -18.72 21.47 -21.65
N SER B 135 -18.89 21.60 -20.34
CA SER B 135 -19.15 22.88 -19.70
C SER B 135 -17.89 23.58 -19.11
N ASN B 136 -16.69 23.03 -19.30
CA ASN B 136 -15.43 23.56 -18.79
C ASN B 136 -15.52 23.73 -17.28
N THR B 137 -16.10 22.71 -16.61
CA THR B 137 -16.30 22.76 -15.16
C THR B 137 -15.16 22.06 -14.43
N LYS B 138 -14.71 22.66 -13.31
CA LYS B 138 -13.72 21.99 -12.43
C LYS B 138 -14.47 21.02 -11.57
N GLY B 139 -15.02 19.99 -12.20
CA GLY B 139 -15.87 19.11 -11.44
C GLY B 139 -15.10 18.22 -10.49
N VAL B 140 -15.86 17.60 -9.57
CA VAL B 140 -15.31 16.75 -8.52
C VAL B 140 -16.17 15.48 -8.42
N ILE B 141 -15.49 14.35 -8.28
CA ILE B 141 -16.13 13.07 -8.14
C ILE B 141 -15.68 12.46 -6.81
N VAL B 142 -16.63 11.96 -6.01
CA VAL B 142 -16.31 11.08 -4.93
C VAL B 142 -17.03 9.77 -5.12
N ASN B 143 -16.30 8.67 -5.27
CA ASN B 143 -16.88 7.31 -5.33
C ASN B 143 -16.88 6.61 -4.00
N THR B 144 -17.93 5.85 -3.69
CA THR B 144 -17.88 5.04 -2.49
C THR B 144 -17.33 3.67 -2.87
N ALA B 145 -16.10 3.41 -2.42
CA ALA B 145 -15.52 2.09 -2.52
C ALA B 145 -15.83 1.26 -1.26
N SER B 146 -14.86 0.70 -0.56
CA SER B 146 -15.07 -0.10 0.65
C SER B 146 -13.74 -0.41 1.28
N LEU B 147 -13.74 -0.79 2.55
CA LEU B 147 -12.61 -1.49 3.15
C LEU B 147 -12.15 -2.66 2.24
N ALA B 148 -13.11 -3.29 1.52
CA ALA B 148 -12.83 -4.44 0.68
C ALA B 148 -12.19 -4.00 -0.65
N ALA B 149 -11.96 -2.70 -0.90
CA ALA B 149 -11.12 -2.23 -2.01
C ALA B 149 -9.62 -2.20 -1.60
N LYS B 150 -9.36 -2.44 -0.30
CA LYS B 150 -8.04 -2.42 0.28
C LYS B 150 -7.58 -3.77 0.77
N VAL B 151 -8.47 -4.56 1.29
CA VAL B 151 -8.18 -5.89 1.85
C VAL B 151 -9.26 -6.82 1.36
N GLY B 152 -8.87 -7.89 0.67
CA GLY B 152 -9.85 -8.88 0.20
C GLY B 152 -10.50 -9.53 1.38
N ALA B 153 -11.82 -9.63 1.31
CA ALA B 153 -12.61 -10.18 2.44
C ALA B 153 -13.18 -11.53 2.15
N PRO B 154 -12.93 -12.46 3.04
CA PRO B 154 -13.54 -13.79 2.82
C PRO B 154 -15.05 -13.77 2.86
N LEU B 155 -15.69 -14.59 1.98
CA LEU B 155 -17.14 -14.70 1.79
C LEU B 155 -17.63 -13.54 0.96
N LEU B 156 -16.70 -12.61 0.63
CA LEU B 156 -17.01 -11.46 -0.19
C LEU B 156 -15.96 -11.36 -1.32
N ALA B 157 -15.46 -12.47 -1.82
CA ALA B 157 -14.35 -12.41 -2.79
C ALA B 157 -14.74 -11.66 -4.06
N HIS B 158 -15.94 -11.87 -4.55
CA HIS B 158 -16.45 -11.20 -5.77
C HIS B 158 -16.73 -9.75 -5.45
N TYR B 159 -17.33 -9.49 -4.29
CA TYR B 159 -17.55 -8.10 -3.84
C TYR B 159 -16.23 -7.29 -3.70
N SER B 160 -15.26 -7.95 -3.09
CA SER B 160 -13.93 -7.37 -2.97
C SER B 160 -13.33 -7.05 -4.31
N ALA B 161 -13.43 -8.02 -5.23
CA ALA B 161 -12.91 -7.79 -6.57
C ALA B 161 -13.59 -6.54 -7.20
N SER B 162 -14.91 -6.44 -7.08
CA SER B 162 -15.62 -5.34 -7.63
C SER B 162 -15.25 -4.00 -7.00
N LYS B 163 -14.91 -3.98 -5.74
CA LYS B 163 -14.57 -2.74 -5.07
C LYS B 163 -13.10 -2.34 -5.30
N PHE B 164 -12.19 -3.33 -5.40
CA PHE B 164 -10.84 -3.06 -5.92
C PHE B 164 -10.94 -2.41 -7.30
N ALA B 165 -11.84 -2.90 -8.15
CA ALA B 165 -12.06 -2.30 -9.46
C ALA B 165 -12.46 -0.81 -9.40
N VAL B 166 -13.31 -0.48 -8.46
CA VAL B 166 -13.68 0.92 -8.22
C VAL B 166 -12.47 1.78 -7.94
N PHE B 167 -11.67 1.28 -7.04
CA PHE B 167 -10.46 2.04 -6.65
C PHE B 167 -9.49 2.18 -7.84
N GLY B 168 -9.27 1.09 -8.57
CA GLY B 168 -8.38 1.20 -9.68
C GLY B 168 -8.87 2.14 -10.80
N TRP B 169 -10.18 2.05 -11.11
CA TRP B 169 -10.84 2.96 -11.98
C TRP B 169 -10.63 4.41 -11.49
N THR B 170 -10.81 4.61 -10.19
CA THR B 170 -10.69 5.94 -9.59
C THR B 170 -9.29 6.51 -9.84
N GLN B 171 -8.28 5.71 -9.53
CA GLN B 171 -6.92 6.16 -9.77
C GLN B 171 -6.61 6.55 -11.21
N ALA B 172 -6.97 5.68 -12.14
CA ALA B 172 -6.68 5.92 -13.53
C ALA B 172 -7.45 7.13 -14.08
N LEU B 173 -8.74 7.19 -13.78
CA LEU B 173 -9.55 8.34 -14.13
C LEU B 173 -8.96 9.61 -13.60
N ALA B 174 -8.54 9.57 -12.35
CA ALA B 174 -7.94 10.76 -11.73
C ALA B 174 -6.73 11.23 -12.50
N ARG B 175 -5.90 10.32 -12.96
CA ARG B 175 -4.72 10.68 -13.73
C ARG B 175 -5.10 11.33 -15.08
N GLU B 176 -6.17 10.86 -15.70
CA GLU B 176 -6.61 11.48 -16.90
C GLU B 176 -7.28 12.81 -16.70
N MET B 177 -8.03 12.96 -15.60
CA MET B 177 -8.84 14.16 -15.34
C MET B 177 -8.09 15.27 -14.70
N ALA B 178 -6.98 14.97 -14.02
CA ALA B 178 -6.22 16.03 -13.34
C ALA B 178 -5.70 17.15 -14.22
N PRO B 179 -5.21 16.86 -15.43
CA PRO B 179 -4.82 17.99 -16.32
C PRO B 179 -5.99 18.89 -16.75
N LYS B 180 -7.22 18.41 -16.58
CA LYS B 180 -8.47 19.11 -16.84
C LYS B 180 -9.04 19.73 -15.57
N ASN B 181 -8.27 19.69 -14.46
CA ASN B 181 -8.72 20.24 -13.16
C ASN B 181 -10.03 19.63 -12.65
N ILE B 182 -10.19 18.34 -12.93
CA ILE B 182 -11.32 17.56 -12.46
C ILE B 182 -10.68 16.60 -11.45
N ARG B 183 -11.20 16.54 -10.22
CA ARG B 183 -10.67 15.65 -9.22
C ARG B 183 -11.55 14.47 -9.04
N VAL B 184 -10.92 13.35 -8.74
CA VAL B 184 -11.63 12.07 -8.59
C VAL B 184 -11.03 11.31 -7.41
N ASN B 185 -11.82 11.08 -6.38
CA ASN B 185 -11.35 10.33 -5.21
C ASN B 185 -12.37 9.30 -4.82
N CYS B 186 -11.99 8.39 -3.95
CA CYS B 186 -12.96 7.47 -3.33
C CYS B 186 -12.77 7.37 -1.84
N VAL B 187 -13.85 6.96 -1.17
CA VAL B 187 -13.81 6.71 0.24
C VAL B 187 -14.04 5.17 0.45
N CYS B 188 -13.37 4.65 1.46
CA CYS B 188 -13.36 3.22 1.78
C CYS B 188 -13.90 3.07 3.22
N PRO B 189 -15.23 2.91 3.38
CA PRO B 189 -15.80 2.72 4.71
C PRO B 189 -15.49 1.36 5.33
N GLY B 190 -15.61 1.28 6.64
CA GLY B 190 -15.45 0.01 7.34
C GLY B 190 -16.78 -0.64 7.57
N PHE B 191 -17.10 -0.89 8.84
CA PHE B 191 -18.23 -1.71 9.18
C PHE B 191 -19.40 -0.80 9.49
N VAL B 192 -20.18 -0.45 8.48
CA VAL B 192 -21.17 0.63 8.64
C VAL B 192 -22.59 0.09 8.91
N LYS B 193 -23.19 0.59 9.96
CA LYS B 193 -24.51 0.23 10.37
C LYS B 193 -25.54 0.82 9.41
N THR B 194 -26.00 -0.02 8.53
CA THR B 194 -27.04 0.30 7.53
C THR B 194 -27.78 -1.00 7.27
N ALA B 195 -28.73 -0.98 6.32
CA ALA B 195 -29.40 -2.22 5.91
C ALA B 195 -28.45 -3.24 5.25
N MET B 196 -27.39 -2.77 4.58
CA MET B 196 -26.41 -3.73 3.98
C MET B 196 -25.72 -4.47 5.12
N GLN B 197 -25.33 -3.77 6.18
CA GLN B 197 -24.76 -4.47 7.36
C GLN B 197 -25.78 -5.43 8.02
N GLU B 198 -26.96 -4.96 8.26
CA GLU B 198 -27.92 -5.84 8.92
C GLU B 198 -28.12 -7.10 8.07
N ARG B 199 -28.13 -6.96 6.75
CA ARG B 199 -28.26 -8.20 5.92
C ARG B 199 -27.02 -9.06 6.12
N GLU B 200 -25.85 -8.43 5.95
CA GLU B 200 -24.59 -9.17 6.02
C GLU B 200 -24.42 -9.96 7.32
N ILE B 201 -24.80 -9.38 8.48
CA ILE B 201 -24.57 -10.12 9.77
C ILE B 201 -25.33 -11.44 9.87
N ILE B 202 -26.55 -11.40 9.37
CA ILE B 202 -27.34 -12.58 9.29
C ILE B 202 -26.78 -13.59 8.26
N TRP B 203 -26.38 -13.18 7.05
CA TRP B 203 -25.79 -14.14 6.06
C TRP B 203 -24.54 -14.74 6.76
N GLU B 204 -23.74 -13.86 7.34
CA GLU B 204 -22.43 -14.27 7.81
C GLU B 204 -22.47 -15.25 8.95
N ALA B 205 -23.33 -14.91 9.95
CA ALA B 205 -23.62 -15.79 11.06
C ALA B 205 -24.00 -17.23 10.61
N GLU B 206 -24.87 -17.31 9.64
CA GLU B 206 -25.32 -18.61 9.10
C GLU B 206 -24.16 -19.39 8.50
N LEU B 207 -23.37 -18.72 7.68
CA LEU B 207 -22.24 -19.32 6.96
C LEU B 207 -21.12 -19.72 7.85
N ARG B 208 -20.93 -18.99 8.96
CA ARG B 208 -19.85 -19.28 9.87
C ARG B 208 -20.37 -20.06 11.07
N GLY B 209 -21.69 -20.29 11.13
CA GLY B 209 -22.29 -20.93 12.31
C GLY B 209 -22.02 -20.16 13.61
N MET B 210 -22.63 -18.97 13.72
CA MET B 210 -22.40 -18.07 14.84
C MET B 210 -23.70 -17.40 14.99
N THR B 211 -23.85 -16.62 16.03
CA THR B 211 -25.03 -15.78 16.14
C THR B 211 -24.75 -14.42 15.48
N PRO B 212 -25.79 -13.75 15.02
CA PRO B 212 -25.63 -12.42 14.49
C PRO B 212 -24.84 -11.54 15.44
N GLU B 213 -25.22 -11.62 16.72
CA GLU B 213 -24.64 -10.86 17.82
C GLU B 213 -23.12 -11.03 17.93
N ALA B 214 -22.64 -12.26 17.87
CA ALA B 214 -21.20 -12.56 17.86
C ALA B 214 -20.42 -12.04 16.62
N VAL B 215 -21.01 -12.15 15.44
CA VAL B 215 -20.41 -11.60 14.26
C VAL B 215 -20.29 -10.10 14.49
N ARG B 216 -21.34 -9.43 14.98
CA ARG B 216 -21.29 -7.98 15.17
C ARG B 216 -20.15 -7.59 16.08
N ALA B 217 -20.03 -8.36 17.15
CA ALA B 217 -19.08 -8.06 18.22
C ALA B 217 -17.66 -8.25 17.70
N GLU B 218 -17.51 -9.15 16.72
CA GLU B 218 -16.20 -9.39 16.14
C GLU B 218 -15.80 -8.14 15.34
N TYR B 219 -16.75 -7.57 14.62
CA TYR B 219 -16.49 -6.31 13.81
C TYR B 219 -16.04 -5.21 14.75
N VAL B 220 -16.73 -5.06 15.90
CA VAL B 220 -16.37 -4.01 16.83
C VAL B 220 -14.99 -4.33 17.42
N SER B 221 -14.72 -5.59 17.76
CA SER B 221 -13.40 -5.96 18.31
C SER B 221 -12.25 -5.69 17.35
N LEU B 222 -12.52 -5.79 16.06
CA LEU B 222 -11.54 -5.46 15.03
C LEU B 222 -11.28 -3.94 14.85
N THR B 223 -12.10 -3.08 15.45
CA THR B 223 -12.12 -1.69 15.13
C THR B 223 -11.35 -0.96 16.27
N PRO B 224 -10.22 -0.34 16.00
CA PRO B 224 -9.48 0.33 17.11
C PRO B 224 -10.28 1.39 17.82
N LEU B 225 -11.11 2.14 17.11
CA LEU B 225 -11.95 3.12 17.75
C LEU B 225 -13.12 2.56 18.60
N GLY B 226 -13.39 1.27 18.52
CA GLY B 226 -14.18 0.59 19.57
C GLY B 226 -15.64 0.64 19.34
N ARG B 227 -16.10 1.00 18.15
CA ARG B 227 -17.56 1.02 17.89
C ARG B 227 -17.85 0.76 16.44
N ILE B 228 -19.08 0.32 16.20
CA ILE B 228 -19.58 0.19 14.86
C ILE B 228 -19.70 1.58 14.20
N GLU B 229 -19.51 1.64 12.88
CA GLU B 229 -19.43 2.91 12.15
C GLU B 229 -20.90 3.34 11.78
N GLU B 230 -21.12 4.60 11.71
CA GLU B 230 -22.36 5.22 11.26
C GLU B 230 -22.23 5.80 9.87
N PRO B 231 -23.36 5.89 9.12
CA PRO B 231 -23.28 6.49 7.79
C PRO B 231 -22.68 7.93 7.80
N GLU B 232 -23.02 8.74 8.82
CA GLU B 232 -22.49 10.04 8.96
C GLU B 232 -20.97 10.12 9.08
N ASP B 233 -20.37 9.06 9.63
CA ASP B 233 -18.89 9.01 9.78
C ASP B 233 -18.26 9.13 8.37
N VAL B 234 -18.90 8.49 7.42
CA VAL B 234 -18.44 8.51 6.02
C VAL B 234 -18.84 9.83 5.36
N ALA B 235 -20.08 10.25 5.53
CA ALA B 235 -20.62 11.40 4.83
C ALA B 235 -19.81 12.64 5.10
N ASP B 236 -19.31 12.85 6.32
CA ASP B 236 -18.65 14.10 6.63
C ASP B 236 -17.27 14.12 5.91
N VAL B 237 -16.69 12.92 5.70
CA VAL B 237 -15.44 12.81 4.90
C VAL B 237 -15.68 13.07 3.42
N VAL B 238 -16.84 12.68 2.90
CA VAL B 238 -17.18 12.96 1.50
C VAL B 238 -17.36 14.48 1.25
N VAL B 239 -17.92 15.17 2.24
CA VAL B 239 -17.97 16.59 2.19
C VAL B 239 -16.59 17.22 2.07
N PHE B 240 -15.66 16.79 2.94
CA PHE B 240 -14.29 17.20 2.81
C PHE B 240 -13.75 16.99 1.36
N LEU B 241 -13.88 15.78 0.85
CA LEU B 241 -13.29 15.47 -0.47
C LEU B 241 -13.94 16.21 -1.62
N ALA B 242 -15.21 16.57 -1.43
CA ALA B 242 -15.93 17.39 -2.36
C ALA B 242 -15.51 18.87 -2.36
N SER B 243 -14.95 19.33 -1.25
CA SER B 243 -14.73 20.74 -0.97
C SER B 243 -13.39 21.16 -1.43
N ASP B 244 -13.17 22.46 -1.39
CA ASP B 244 -11.94 22.96 -1.88
C ASP B 244 -10.80 22.77 -0.88
N ALA B 245 -11.11 22.27 0.30
CA ALA B 245 -10.04 21.90 1.24
C ALA B 245 -9.26 20.74 0.70
N ALA B 246 -9.86 19.98 -0.16
CA ALA B 246 -9.22 18.86 -0.80
C ALA B 246 -8.78 19.15 -2.22
N ARG B 247 -8.56 20.43 -2.54
CA ARG B 247 -8.21 20.86 -3.86
C ARG B 247 -6.92 20.26 -4.40
N PHE B 248 -6.02 19.78 -3.53
CA PHE B 248 -4.75 19.25 -4.03
C PHE B 248 -4.68 17.73 -3.80
N MET B 249 -5.86 17.10 -3.77
CA MET B 249 -5.98 15.66 -3.57
C MET B 249 -6.78 15.00 -4.66
N THR B 250 -6.17 14.04 -5.34
CA THR B 250 -6.90 13.30 -6.33
C THR B 250 -6.38 11.87 -6.50
N GLY B 251 -7.31 10.94 -6.84
CA GLY B 251 -6.97 9.54 -6.98
C GLY B 251 -6.82 8.69 -5.71
N GLN B 252 -7.20 9.26 -4.58
CA GLN B 252 -7.06 8.61 -3.28
C GLN B 252 -8.21 7.66 -2.97
N GLY B 253 -7.90 6.67 -2.12
CA GLY B 253 -8.86 5.80 -1.43
C GLY B 253 -8.79 6.11 0.04
N ILE B 254 -9.58 7.08 0.47
CA ILE B 254 -9.45 7.53 1.82
C ILE B 254 -10.16 6.55 2.72
N ASN B 255 -9.46 5.92 3.70
CA ASN B 255 -10.06 4.96 4.61
C ASN B 255 -10.87 5.71 5.66
N VAL B 256 -12.10 5.28 5.92
CA VAL B 256 -12.90 5.84 7.03
C VAL B 256 -13.44 4.61 7.74
N THR B 257 -12.58 4.01 8.56
CA THR B 257 -12.82 2.67 9.08
C THR B 257 -12.57 2.59 10.60
N GLY B 258 -12.26 3.68 11.25
CA GLY B 258 -12.01 3.63 12.68
C GLY B 258 -10.70 2.99 13.03
N GLY B 259 -9.74 3.01 12.07
CA GLY B 259 -8.42 2.42 12.41
C GLY B 259 -8.26 0.97 11.96
N VAL B 260 -9.26 0.38 11.30
CA VAL B 260 -9.15 -0.99 10.80
C VAL B 260 -8.06 -1.12 9.77
N ARG B 261 -8.02 -0.19 8.84
CA ARG B 261 -7.14 -0.23 7.69
C ARG B 261 -6.42 1.12 7.65
N MET B 262 -5.07 1.10 7.59
CA MET B 262 -4.22 2.30 7.56
C MET B 262 -3.41 2.37 6.27
N ASP B 263 -3.60 3.39 5.45
CA ASP B 263 -2.79 3.66 4.23
C ASP B 263 -2.27 5.12 4.05
N ILE C 7 18.68 -21.32 -12.03
CA ILE C 7 18.45 -19.84 -11.87
C ILE C 7 18.21 -19.51 -10.40
N PHE C 8 17.86 -20.48 -9.54
CA PHE C 8 17.78 -20.23 -8.09
C PHE C 8 19.05 -20.58 -7.29
N ASP C 9 20.09 -20.98 -8.00
CA ASP C 9 21.38 -21.46 -7.46
C ASP C 9 22.21 -20.22 -7.10
N LEU C 10 22.95 -20.30 -6.01
CA LEU C 10 23.84 -19.23 -5.61
C LEU C 10 25.28 -19.75 -5.65
N SER C 11 25.51 -20.75 -6.49
CA SER C 11 26.83 -21.40 -6.57
C SER C 11 27.90 -20.35 -6.91
N GLY C 12 28.97 -20.37 -6.12
CA GLY C 12 30.03 -19.43 -6.31
C GLY C 12 29.90 -18.06 -5.72
N ARG C 13 28.69 -17.66 -5.29
CA ARG C 13 28.40 -16.39 -4.66
C ARG C 13 29.04 -16.26 -3.25
N LYS C 14 29.45 -15.05 -2.91
CA LYS C 14 30.06 -14.73 -1.67
C LYS C 14 29.18 -13.76 -0.88
N ALA C 15 28.68 -14.23 0.25
CA ALA C 15 27.70 -13.54 1.09
C ALA C 15 28.16 -13.15 2.43
N ILE C 16 27.68 -11.98 2.87
CA ILE C 16 27.79 -11.56 4.25
C ILE C 16 26.41 -11.49 4.80
N VAL C 17 26.23 -12.08 5.98
CA VAL C 17 24.99 -11.97 6.75
C VAL C 17 25.28 -11.28 8.05
N THR C 18 24.70 -10.10 8.27
CA THR C 18 24.82 -9.49 9.61
C THR C 18 23.74 -10.06 10.49
N GLY C 19 24.04 -10.26 11.78
CA GLY C 19 23.13 -10.89 12.70
C GLY C 19 22.80 -12.32 12.36
N GLY C 20 23.74 -13.01 11.74
CA GLY C 20 23.57 -14.38 11.36
C GLY C 20 23.71 -15.44 12.44
N SER C 21 23.99 -15.04 13.68
CA SER C 21 24.28 -16.02 14.74
C SER C 21 23.08 -16.82 15.21
N LYS C 22 21.88 -16.26 15.11
CA LYS C 22 20.72 -16.88 15.69
C LYS C 22 19.47 -16.63 14.81
N GLY C 23 18.43 -17.38 15.10
CA GLY C 23 17.13 -17.10 14.58
C GLY C 23 17.00 -17.06 13.05
N ILE C 24 16.36 -15.98 12.58
CA ILE C 24 16.15 -15.78 11.13
C ILE C 24 17.54 -15.67 10.47
N GLY C 25 18.48 -14.92 11.08
CA GLY C 25 19.82 -14.76 10.44
C GLY C 25 20.59 -16.04 10.25
N ALA C 26 20.54 -16.89 11.26
CA ALA C 26 21.17 -18.20 11.15
C ALA C 26 20.50 -19.03 10.09
N ALA C 27 19.16 -18.99 10.04
CA ALA C 27 18.48 -19.74 8.97
C ALA C 27 18.86 -19.21 7.56
N ILE C 28 18.97 -17.87 7.42
CA ILE C 28 19.42 -17.29 6.19
C ILE C 28 20.80 -17.78 5.79
N ALA C 29 21.73 -17.77 6.73
CA ALA C 29 23.07 -18.23 6.37
C ALA C 29 23.07 -19.67 5.92
N ARG C 30 22.29 -20.52 6.60
CA ARG C 30 22.23 -21.95 6.27
C ARG C 30 21.60 -22.18 4.92
N ALA C 31 20.58 -21.41 4.59
CA ALA C 31 19.91 -21.51 3.28
C ALA C 31 20.75 -20.99 2.15
N LEU C 32 21.47 -19.90 2.40
CA LEU C 32 22.33 -19.38 1.37
C LEU C 32 23.41 -20.42 1.04
N ASP C 33 23.97 -20.97 2.08
CA ASP C 33 25.00 -22.03 1.92
C ASP C 33 24.48 -23.27 1.16
N LYS C 34 23.32 -23.70 1.51
CA LYS C 34 22.65 -24.83 0.86
C LYS C 34 22.45 -24.60 -0.61
N ALA C 35 22.14 -23.35 -0.95
CA ALA C 35 21.95 -22.93 -2.32
C ALA C 35 23.24 -22.72 -3.13
N GLY C 36 24.40 -22.78 -2.46
CA GLY C 36 25.69 -22.75 -3.12
C GLY C 36 26.64 -21.71 -2.70
N ALA C 37 26.19 -20.77 -1.91
CA ALA C 37 27.01 -19.68 -1.52
C ALA C 37 28.02 -20.08 -0.45
N THR C 38 29.08 -19.26 -0.38
CA THR C 38 30.00 -19.24 0.74
C THR C 38 29.68 -18.01 1.60
N VAL C 39 29.45 -18.26 2.89
CA VAL C 39 28.89 -17.29 3.80
C VAL C 39 29.82 -16.83 4.94
N ALA C 40 29.89 -15.51 5.08
CA ALA C 40 30.49 -14.87 6.22
C ALA C 40 29.40 -14.32 7.07
N ILE C 41 29.45 -14.63 8.37
CA ILE C 41 28.54 -14.12 9.34
C ILE C 41 29.18 -13.11 10.24
N ALA C 42 28.61 -11.91 10.26
CA ALA C 42 29.09 -10.80 11.08
C ALA C 42 28.05 -10.61 12.18
N ASP C 43 28.42 -10.75 13.46
CA ASP C 43 27.48 -10.72 14.51
C ASP C 43 28.17 -10.23 15.82
N LEU C 44 27.36 -9.67 16.69
CA LEU C 44 27.84 -9.23 17.99
C LEU C 44 28.41 -10.40 18.76
N ASP C 45 27.81 -11.57 18.59
CA ASP C 45 28.26 -12.81 19.28
C ASP C 45 29.02 -13.69 18.32
N VAL C 46 30.35 -13.56 18.27
CA VAL C 46 31.09 -14.19 17.21
C VAL C 46 31.23 -15.72 17.44
N MET C 47 31.21 -16.12 18.71
CA MET C 47 31.19 -17.55 19.06
C MET C 47 29.91 -18.18 18.54
N ALA C 48 28.77 -17.53 18.75
CA ALA C 48 27.53 -18.05 18.19
C ALA C 48 27.58 -18.03 16.63
N ALA C 49 28.20 -17.01 16.03
CA ALA C 49 28.44 -17.02 14.58
C ALA C 49 29.26 -18.16 14.13
N GLN C 50 30.30 -18.45 14.90
CA GLN C 50 31.15 -19.51 14.51
C GLN C 50 30.41 -20.86 14.65
N ALA C 51 29.47 -20.94 15.54
CA ALA C 51 28.72 -22.19 15.69
C ALA C 51 27.88 -22.45 14.40
N VAL C 52 27.31 -21.39 13.86
CA VAL C 52 26.57 -21.56 12.59
C VAL C 52 27.52 -21.92 11.44
N VAL C 53 28.63 -21.20 11.28
CA VAL C 53 29.59 -21.48 10.25
C VAL C 53 30.06 -22.93 10.29
N ALA C 54 30.25 -23.41 11.51
CA ALA C 54 30.76 -24.80 11.68
C ALA C 54 30.01 -25.86 10.93
N GLY C 55 28.71 -25.68 10.82
CA GLY C 55 27.85 -26.64 10.12
C GLY C 55 27.59 -26.40 8.65
N LEU C 56 28.18 -25.37 8.05
CA LEU C 56 27.90 -25.03 6.65
C LEU C 56 28.69 -25.90 5.71
N GLU C 57 28.16 -26.13 4.52
CA GLU C 57 28.76 -27.01 3.55
C GLU C 57 29.89 -26.38 2.80
N ASN C 58 29.86 -25.07 2.52
CA ASN C 58 30.84 -24.45 1.64
C ASN C 58 31.89 -23.64 2.33
N GLY C 59 32.13 -23.98 3.56
CA GLY C 59 33.00 -23.22 4.43
C GLY C 59 32.34 -21.94 4.96
N GLY C 60 33.12 -20.91 5.10
CA GLY C 60 32.62 -19.66 5.61
C GLY C 60 33.48 -19.10 6.68
N PHE C 61 33.07 -17.95 7.20
CA PHE C 61 33.87 -17.13 8.09
C PHE C 61 32.91 -16.45 9.08
N ALA C 62 33.32 -16.40 10.34
CA ALA C 62 32.68 -15.63 11.35
C ALA C 62 33.54 -14.45 11.80
N VAL C 63 32.90 -13.29 12.00
CA VAL C 63 33.55 -12.02 12.33
C VAL C 63 32.66 -11.25 13.33
N GLU C 64 33.28 -10.65 14.35
CA GLU C 64 32.61 -9.76 15.25
C GLU C 64 32.23 -8.45 14.62
N VAL C 65 31.05 -8.02 14.96
CA VAL C 65 30.60 -6.69 14.52
C VAL C 65 29.63 -6.08 15.51
N ASP C 66 29.66 -4.76 15.62
CA ASP C 66 28.61 -4.07 16.34
C ASP C 66 27.96 -3.18 15.23
N VAL C 67 26.76 -3.54 14.76
CA VAL C 67 26.21 -2.83 13.60
C VAL C 67 25.83 -1.40 13.87
N THR C 68 25.87 -0.98 15.13
CA THR C 68 25.58 0.42 15.47
C THR C 68 26.74 1.38 15.21
N LYS C 69 27.91 0.86 14.96
CA LYS C 69 29.12 1.71 14.83
C LYS C 69 29.80 1.56 13.48
N ARG C 70 29.95 2.66 12.72
CA ARG C 70 30.52 2.61 11.42
C ARG C 70 31.86 2.01 11.36
N ALA C 71 32.73 2.37 12.33
CA ALA C 71 34.09 1.74 12.31
C ALA C 71 34.08 0.23 12.43
N SER C 72 33.15 -0.28 13.24
CA SER C 72 33.01 -1.75 13.43
C SER C 72 32.52 -2.41 12.15
N VAL C 73 31.52 -1.81 11.53
CA VAL C 73 30.97 -2.36 10.30
C VAL C 73 31.99 -2.30 9.21
N ASP C 74 32.73 -1.22 9.08
CA ASP C 74 33.71 -1.14 8.03
C ASP C 74 34.81 -2.22 8.18
N ALA C 75 35.31 -2.35 9.36
CA ALA C 75 36.34 -3.37 9.57
C ALA C 75 35.87 -4.81 9.40
N ALA C 76 34.68 -5.12 9.91
CA ALA C 76 34.08 -6.47 9.74
C ALA C 76 33.83 -6.81 8.33
N MET C 77 33.23 -5.89 7.61
CA MET C 77 32.98 -6.07 6.17
C MET C 77 34.25 -6.29 5.40
N GLN C 78 35.26 -5.45 5.62
CA GLN C 78 36.55 -5.67 5.00
C GLN C 78 37.21 -7.01 5.32
N LYS C 79 37.20 -7.41 6.59
CA LYS C 79 37.72 -8.75 6.94
C LYS C 79 36.96 -9.87 6.28
N ALA C 80 35.63 -9.74 6.27
CA ALA C 80 34.82 -10.73 5.59
C ALA C 80 35.05 -10.89 4.10
N ILE C 81 35.12 -9.77 3.36
CA ILE C 81 35.45 -9.74 1.95
C ILE C 81 36.81 -10.35 1.66
N ASP C 82 37.77 -10.05 2.53
CA ASP C 82 39.11 -10.62 2.40
C ASP C 82 39.12 -12.11 2.54
N ALA C 83 38.40 -12.57 3.53
CA ALA C 83 38.27 -14.01 3.82
C ALA C 83 37.55 -14.74 2.71
N LEU C 84 36.41 -14.18 2.25
CA LEU C 84 35.71 -14.75 1.10
C LEU C 84 36.35 -14.73 -0.25
N GLY C 85 37.23 -13.77 -0.50
CA GLY C 85 37.83 -13.56 -1.77
C GLY C 85 36.90 -12.93 -2.78
N GLY C 86 35.85 -12.26 -2.26
CA GLY C 86 34.84 -11.66 -3.16
C GLY C 86 33.66 -11.27 -2.33
N PHE C 87 32.65 -10.66 -2.97
CA PHE C 87 31.49 -10.17 -2.24
C PHE C 87 30.41 -9.82 -3.27
N ASP C 88 29.33 -10.61 -3.24
CA ASP C 88 28.21 -10.62 -4.17
C ASP C 88 26.88 -10.23 -3.50
N LEU C 89 26.75 -10.43 -2.19
CA LEU C 89 25.44 -10.49 -1.54
C LEU C 89 25.56 -10.08 -0.13
N LEU C 90 24.70 -9.18 0.34
CA LEU C 90 24.63 -8.80 1.74
C LEU C 90 23.19 -9.12 2.20
N CYS C 91 23.06 -9.84 3.29
CA CYS C 91 21.79 -10.04 4.02
C CYS C 91 21.94 -9.35 5.34
N ALA C 92 21.23 -8.22 5.49
CA ALA C 92 21.35 -7.37 6.70
C ALA C 92 20.22 -7.73 7.58
N ASN C 93 20.49 -8.57 8.55
CA ASN C 93 19.51 -9.13 9.36
C ASN C 93 19.45 -8.69 10.80
N ALA C 94 20.57 -8.21 11.35
CA ALA C 94 20.66 -7.88 12.72
C ALA C 94 19.46 -7.00 13.07
N GLY C 95 18.82 -7.33 14.18
CA GLY C 95 17.72 -6.49 14.66
C GLY C 95 17.45 -6.87 16.09
N VAL C 96 16.78 -5.96 16.77
CA VAL C 96 16.32 -6.13 18.12
C VAL C 96 14.95 -5.54 18.28
N SER C 97 14.33 -5.94 19.40
CA SER C 97 13.07 -5.31 19.80
C SER C 97 12.95 -5.23 21.31
N THR C 98 12.18 -4.24 21.79
CA THR C 98 11.69 -4.21 23.13
C THR C 98 10.24 -3.85 23.03
N MET C 99 9.43 -4.45 23.84
CA MET C 99 7.97 -4.19 23.78
C MET C 99 7.67 -3.28 24.98
N ARG C 100 6.92 -2.23 24.75
CA ARG C 100 6.64 -1.27 25.78
C ARG C 100 5.40 -0.47 25.34
N PRO C 101 4.48 -0.13 26.25
CA PRO C 101 3.48 0.86 25.87
C PRO C 101 4.11 2.21 25.40
N ALA C 102 3.49 2.75 24.38
CA ALA C 102 4.06 3.89 23.70
C ALA C 102 4.35 5.04 24.67
N VAL C 103 3.50 5.22 25.64
CA VAL C 103 3.71 6.30 26.60
C VAL C 103 4.84 6.08 27.54
N ASP C 104 5.33 4.83 27.64
CA ASP C 104 6.44 4.51 28.52
C ASP C 104 7.79 4.24 27.81
N ILE C 105 7.81 4.30 26.46
CA ILE C 105 9.07 4.13 25.74
C ILE C 105 10.17 5.12 26.21
N THR C 106 11.33 4.61 26.59
CA THR C 106 12.39 5.47 27.02
C THR C 106 13.23 5.90 25.80
N ASP C 107 13.96 6.97 25.96
CA ASP C 107 14.93 7.30 24.92
C ASP C 107 15.94 6.25 24.68
N GLU C 108 16.37 5.59 25.73
CA GLU C 108 17.31 4.47 25.55
C GLU C 108 16.78 3.33 24.61
N GLU C 109 15.52 2.93 24.81
CA GLU C 109 14.84 1.88 24.03
C GLU C 109 14.62 2.39 22.58
N TRP C 110 14.26 3.68 22.45
CA TRP C 110 14.15 4.28 21.12
C TRP C 110 15.45 4.16 20.34
N ASP C 111 16.49 4.68 20.95
CA ASP C 111 17.80 4.57 20.34
C ASP C 111 18.29 3.17 20.07
N PHE C 112 18.03 2.25 20.98
CA PHE C 112 18.42 0.84 20.81
C PHE C 112 17.79 0.28 19.51
N ASN C 113 16.50 0.48 19.40
CA ASN C 113 15.79 0.04 18.19
C ASN C 113 16.28 0.70 16.94
N PHE C 114 16.36 2.03 16.93
CA PHE C 114 16.84 2.74 15.73
C PHE C 114 18.30 2.42 15.39
N ASP C 115 19.17 2.41 16.39
CA ASP C 115 20.56 2.23 16.06
C ASP C 115 20.85 0.84 15.54
N VAL C 116 20.25 -0.20 16.08
CA VAL C 116 20.47 -1.51 15.54
C VAL C 116 19.67 -1.68 14.25
N ASN C 117 18.37 -1.44 14.32
CA ASN C 117 17.50 -1.88 13.19
C ASN C 117 17.65 -0.99 11.96
N ALA C 118 17.71 0.32 12.14
CA ALA C 118 17.64 1.25 11.04
C ALA C 118 19.08 1.70 10.68
N ARG C 119 19.82 2.21 11.69
CA ARG C 119 21.24 2.56 11.47
C ARG C 119 22.10 1.38 11.04
N GLY C 120 21.86 0.21 11.59
CA GLY C 120 22.63 -0.99 11.29
C GLY C 120 22.47 -1.38 9.84
N VAL C 121 21.23 -1.31 9.36
CA VAL C 121 20.96 -1.58 7.95
C VAL C 121 21.60 -0.49 7.04
N PHE C 122 21.45 0.77 7.41
CA PHE C 122 22.12 1.87 6.73
C PHE C 122 23.61 1.63 6.57
N LEU C 123 24.29 1.38 7.68
CA LEU C 123 25.75 1.26 7.58
C LEU C 123 26.15 0.05 6.74
N ALA C 124 25.60 -1.12 7.00
CA ALA C 124 25.94 -2.31 6.27
C ALA C 124 25.63 -2.13 4.79
N ASN C 125 24.45 -1.61 4.49
CA ASN C 125 24.09 -1.39 3.10
C ASN C 125 24.98 -0.35 2.43
N GLN C 126 25.23 0.76 3.07
CA GLN C 126 26.05 1.84 2.46
C GLN C 126 27.46 1.36 2.13
N ILE C 127 28.03 0.68 3.12
CA ILE C 127 29.42 0.14 2.95
C ILE C 127 29.46 -0.97 1.92
N ALA C 128 28.46 -1.85 1.92
CA ALA C 128 28.32 -2.87 0.84
C ALA C 128 28.29 -2.23 -0.50
N CYS C 129 27.43 -1.21 -0.65
CA CYS C 129 27.33 -0.55 -1.94
C CYS C 129 28.65 0.10 -2.37
N ARG C 130 29.39 0.67 -1.43
CA ARG C 130 30.68 1.25 -1.77
C ARG C 130 31.61 0.17 -2.34
N HIS C 131 31.57 -1.02 -1.73
CA HIS C 131 32.37 -2.17 -2.19
C HIS C 131 31.92 -2.64 -3.58
N PHE C 132 30.59 -2.84 -3.78
CA PHE C 132 30.09 -3.30 -5.05
C PHE C 132 30.46 -2.32 -6.17
N LEU C 133 30.23 -1.03 -5.95
CA LEU C 133 30.52 0.02 -6.93
C LEU C 133 32.01 0.04 -7.22
N ALA C 134 32.87 -0.05 -6.19
CA ALA C 134 34.34 -0.03 -6.47
C ALA C 134 34.79 -1.19 -7.35
N SER C 135 34.12 -2.35 -7.21
CA SER C 135 34.49 -3.53 -8.00
C SER C 135 33.65 -3.78 -9.22
N ASN C 136 32.73 -2.89 -9.48
CA ASN C 136 31.76 -3.08 -10.56
C ASN C 136 31.00 -4.36 -10.45
N THR C 137 30.56 -4.67 -9.24
CA THR C 137 29.88 -5.92 -8.97
C THR C 137 28.36 -5.71 -9.10
N LYS C 138 27.66 -6.66 -9.72
CA LYS C 138 26.19 -6.65 -9.77
C LYS C 138 25.67 -7.19 -8.44
N GLY C 139 25.86 -6.41 -7.39
CA GLY C 139 25.64 -6.83 -6.06
C GLY C 139 24.15 -6.88 -5.72
N VAL C 140 23.81 -7.69 -4.73
CA VAL C 140 22.45 -7.83 -4.21
C VAL C 140 22.40 -7.64 -2.70
N ILE C 141 21.36 -6.92 -2.22
CA ILE C 141 21.10 -6.75 -0.84
C ILE C 141 19.73 -7.32 -0.52
N VAL C 142 19.62 -8.04 0.60
CA VAL C 142 18.32 -8.41 1.21
C VAL C 142 18.33 -7.94 2.63
N ASN C 143 17.49 -6.99 2.96
CA ASN C 143 17.37 -6.52 4.32
C ASN C 143 16.25 -7.22 5.05
N THR C 144 16.37 -7.51 6.33
CA THR C 144 15.23 -8.11 7.03
C THR C 144 14.52 -6.94 7.69
N ALA C 145 13.33 -6.67 7.21
CA ALA C 145 12.44 -5.70 7.80
C ALA C 145 11.51 -6.41 8.76
N SER C 146 10.20 -6.32 8.57
CA SER C 146 9.23 -6.91 9.50
C SER C 146 7.82 -6.68 8.97
N LEU C 147 6.88 -7.50 9.42
CA LEU C 147 5.46 -7.17 9.26
C LEU C 147 5.24 -5.72 9.82
N ALA C 148 5.96 -5.37 10.88
CA ALA C 148 5.84 -4.04 11.50
C ALA C 148 6.44 -2.92 10.65
N ALA C 149 7.00 -3.24 9.45
CA ALA C 149 7.32 -2.25 8.41
C ALA C 149 6.13 -1.94 7.52
N LYS C 150 5.03 -2.71 7.67
CA LYS C 150 3.82 -2.60 6.88
C LYS C 150 2.61 -2.12 7.67
N VAL C 151 2.56 -2.57 8.89
CA VAL C 151 1.44 -2.26 9.82
C VAL C 151 2.08 -1.91 11.16
N GLY C 152 1.91 -0.69 11.63
CA GLY C 152 2.41 -0.37 12.96
C GLY C 152 1.69 -1.22 14.01
N ALA C 153 2.49 -1.70 14.96
CA ALA C 153 2.06 -2.64 15.97
C ALA C 153 2.04 -2.09 17.35
N PRO C 154 0.89 -2.18 17.99
CA PRO C 154 0.81 -1.68 19.39
C PRO C 154 1.79 -2.40 20.32
N LEU C 155 2.32 -1.64 21.29
CA LEU C 155 3.41 -2.10 22.12
C LEU C 155 4.78 -2.19 21.46
N LEU C 156 4.79 -1.93 20.14
CA LEU C 156 6.00 -1.97 19.37
C LEU C 156 6.08 -0.70 18.50
N ALA C 157 5.64 0.40 19.03
CA ALA C 157 5.60 1.61 18.23
C ALA C 157 6.96 2.11 17.76
N HIS C 158 7.94 2.09 18.62
CA HIS C 158 9.32 2.45 18.28
C HIS C 158 9.94 1.38 17.36
N TYR C 159 9.69 0.11 17.65
CA TYR C 159 10.16 -0.98 16.76
C TYR C 159 9.58 -0.80 15.36
N SER C 160 8.29 -0.52 15.29
CA SER C 160 7.62 -0.37 13.99
C SER C 160 8.20 0.81 13.24
N ALA C 161 8.38 1.92 13.95
CA ALA C 161 9.02 3.09 13.33
C ALA C 161 10.36 2.72 12.73
N SER C 162 11.17 1.96 13.48
CA SER C 162 12.48 1.59 13.02
C SER C 162 12.44 0.69 11.81
N LYS C 163 11.46 -0.19 11.73
CA LYS C 163 11.35 -1.14 10.61
C LYS C 163 10.71 -0.51 9.36
N PHE C 164 9.74 0.38 9.52
CA PHE C 164 9.31 1.25 8.43
C PHE C 164 10.52 1.96 7.85
N ALA C 165 11.44 2.45 8.71
CA ALA C 165 12.61 3.14 8.21
C ALA C 165 13.47 2.23 7.34
N VAL C 166 13.70 1.01 7.78
CA VAL C 166 14.40 0.01 6.96
C VAL C 166 13.76 -0.11 5.57
N PHE C 167 12.44 -0.17 5.51
CA PHE C 167 11.75 -0.33 4.24
C PHE C 167 11.91 0.89 3.40
N GLY C 168 11.79 2.07 3.99
CA GLY C 168 11.96 3.30 3.17
C GLY C 168 13.35 3.48 2.63
N TRP C 169 14.32 3.20 3.49
CA TRP C 169 15.73 3.15 3.11
C TRP C 169 15.89 2.21 1.91
N THR C 170 15.33 1.04 2.01
CA THR C 170 15.45 0.01 0.96
C THR C 170 14.94 0.55 -0.37
N GLN C 171 13.80 1.20 -0.36
CA GLN C 171 13.21 1.70 -1.58
C GLN C 171 14.09 2.79 -2.23
N ALA C 172 14.59 3.72 -1.41
CA ALA C 172 15.29 4.87 -1.95
C ALA C 172 16.61 4.34 -2.49
N LEU C 173 17.26 3.51 -1.67
CA LEU C 173 18.57 2.95 -2.08
C LEU C 173 18.39 2.16 -3.36
N ALA C 174 17.30 1.38 -3.48
CA ALA C 174 17.10 0.59 -4.64
C ALA C 174 17.01 1.53 -5.86
N ARG C 175 16.32 2.64 -5.73
CA ARG C 175 16.24 3.60 -6.84
C ARG C 175 17.59 4.14 -7.27
N GLU C 176 18.46 4.44 -6.31
CA GLU C 176 19.77 4.88 -6.65
C GLU C 176 20.66 3.83 -7.24
N MET C 177 20.53 2.63 -6.80
CA MET C 177 21.40 1.53 -7.14
C MET C 177 21.02 0.80 -8.43
N ALA C 178 19.75 0.84 -8.79
CA ALA C 178 19.30 0.12 -9.99
C ALA C 178 20.06 0.45 -11.27
N PRO C 179 20.36 1.71 -11.54
CA PRO C 179 21.13 2.03 -12.77
C PRO C 179 22.55 1.47 -12.75
N LYS C 180 23.04 1.09 -11.58
CA LYS C 180 24.33 0.42 -11.42
C LYS C 180 24.22 -1.08 -11.29
N ASN C 181 23.08 -1.65 -11.63
CA ASN C 181 22.89 -3.11 -11.70
C ASN C 181 23.02 -3.74 -10.37
N ILE C 182 22.65 -3.00 -9.30
CA ILE C 182 22.69 -3.52 -7.90
C ILE C 182 21.23 -3.53 -7.42
N ARG C 183 20.77 -4.67 -6.94
CA ARG C 183 19.39 -4.85 -6.43
C ARG C 183 19.36 -4.78 -4.92
N VAL C 184 18.27 -4.18 -4.40
CA VAL C 184 18.11 -4.00 -2.96
C VAL C 184 16.65 -4.30 -2.62
N ASN C 185 16.41 -5.36 -1.86
CA ASN C 185 15.04 -5.69 -1.44
C ASN C 185 15.03 -5.92 0.05
N CYS C 186 13.82 -6.00 0.61
CA CYS C 186 13.64 -6.48 1.95
C CYS C 186 12.61 -7.52 2.08
N VAL C 187 12.70 -8.30 3.19
CA VAL C 187 11.68 -9.27 3.50
C VAL C 187 10.97 -8.83 4.80
N CYS C 188 9.68 -9.05 4.90
CA CYS C 188 8.86 -8.62 6.03
C CYS C 188 8.24 -9.86 6.72
N PRO C 189 8.95 -10.44 7.66
CA PRO C 189 8.45 -11.64 8.34
C PRO C 189 7.31 -11.33 9.26
N GLY C 190 6.54 -12.37 9.57
CA GLY C 190 5.44 -12.29 10.48
C GLY C 190 5.85 -12.76 11.84
N PHE C 191 5.01 -13.64 12.38
CA PHE C 191 5.14 -14.08 13.77
C PHE C 191 6.13 -15.24 13.91
N VAL C 192 7.40 -14.98 13.96
CA VAL C 192 8.40 -16.05 13.88
C VAL C 192 8.87 -16.62 15.21
N LYS C 193 8.83 -17.96 15.28
CA LYS C 193 9.29 -18.72 16.47
C LYS C 193 10.82 -18.80 16.48
N THR C 194 11.38 -18.01 17.39
CA THR C 194 12.80 -18.10 17.75
C THR C 194 12.93 -18.41 19.25
N ALA C 195 14.10 -18.88 19.68
CA ALA C 195 14.37 -19.20 21.10
C ALA C 195 14.01 -18.05 22.08
N MET C 196 13.96 -16.82 21.55
CA MET C 196 13.68 -15.60 22.30
C MET C 196 12.18 -15.39 22.51
N GLN C 197 11.34 -16.13 21.76
CA GLN C 197 9.92 -15.79 21.74
C GLN C 197 9.21 -16.38 22.95
N GLU C 198 9.73 -17.45 23.53
CA GLU C 198 9.24 -17.92 24.85
C GLU C 198 9.21 -16.71 25.79
N ARG C 199 10.25 -15.89 25.66
CA ARG C 199 10.57 -14.82 26.59
C ARG C 199 9.74 -13.59 26.23
N GLU C 200 9.78 -13.18 24.98
CA GLU C 200 8.97 -12.04 24.55
C GLU C 200 7.42 -12.34 24.58
N ILE C 201 7.01 -13.62 24.47
CA ILE C 201 5.58 -13.92 24.69
C ILE C 201 5.19 -13.75 26.16
N ILE C 202 6.06 -14.10 27.11
CA ILE C 202 5.70 -13.95 28.54
C ILE C 202 5.58 -12.43 28.85
N TRP C 203 6.51 -11.66 28.30
CA TRP C 203 6.46 -10.22 28.52
C TRP C 203 5.19 -9.58 27.91
N GLU C 204 4.83 -9.96 26.67
CA GLU C 204 3.60 -9.48 26.08
C GLU C 204 2.40 -9.88 26.91
N ALA C 205 2.43 -11.14 27.35
CA ALA C 205 1.28 -11.66 28.11
C ALA C 205 1.12 -10.81 29.42
N GLU C 206 2.23 -10.56 30.07
CA GLU C 206 2.24 -9.68 31.19
C GLU C 206 1.69 -8.30 30.87
N LEU C 207 2.15 -7.67 29.78
CA LEU C 207 1.61 -6.35 29.45
C LEU C 207 0.11 -6.28 29.09
N ARG C 208 -0.37 -7.37 28.54
CA ARG C 208 -1.75 -7.43 28.04
C ARG C 208 -2.73 -8.06 29.02
N GLY C 209 -2.25 -8.39 30.22
CA GLY C 209 -3.06 -9.10 31.20
C GLY C 209 -3.60 -10.45 30.74
N MET C 210 -2.82 -11.18 29.93
CA MET C 210 -3.21 -12.48 29.40
C MET C 210 -2.25 -13.51 29.92
N THR C 211 -2.51 -14.77 29.62
CA THR C 211 -1.53 -15.81 29.80
C THR C 211 -0.65 -15.94 28.54
N PRO C 212 0.60 -16.42 28.68
CA PRO C 212 1.56 -16.72 27.61
C PRO C 212 1.01 -17.67 26.52
N GLU C 213 0.25 -18.63 27.01
CA GLU C 213 -0.45 -19.60 26.18
C GLU C 213 -1.47 -18.88 25.34
N ALA C 214 -2.25 -17.97 25.93
CA ALA C 214 -3.32 -17.25 25.22
C ALA C 214 -2.71 -16.35 24.13
N VAL C 215 -1.62 -15.70 24.49
CA VAL C 215 -0.88 -14.88 23.50
C VAL C 215 -0.37 -15.69 22.30
N ARG C 216 0.31 -16.81 22.53
CA ARG C 216 0.81 -17.65 21.44
C ARG C 216 -0.35 -18.13 20.58
N ALA C 217 -1.44 -18.55 21.24
CA ALA C 217 -2.63 -19.05 20.48
C ALA C 217 -3.25 -17.98 19.60
N GLU C 218 -3.32 -16.73 20.10
CA GLU C 218 -3.83 -15.64 19.34
C GLU C 218 -3.00 -15.38 18.07
N TYR C 219 -1.68 -15.49 18.17
CA TYR C 219 -0.84 -15.34 16.98
C TYR C 219 -1.19 -16.40 15.93
N VAL C 220 -1.43 -17.64 16.38
CA VAL C 220 -1.84 -18.72 15.45
C VAL C 220 -3.19 -18.36 14.83
N SER C 221 -4.14 -17.95 15.66
CA SER C 221 -5.48 -17.57 15.20
C SER C 221 -5.48 -16.50 14.15
N LEU C 222 -4.55 -15.59 14.29
CA LEU C 222 -4.49 -14.47 13.43
C LEU C 222 -3.81 -14.80 12.08
N THR C 223 -3.22 -16.00 11.96
CA THR C 223 -2.46 -16.39 10.76
C THR C 223 -3.29 -17.26 9.81
N PRO C 224 -3.60 -16.77 8.62
CA PRO C 224 -4.46 -17.58 7.73
C PRO C 224 -3.93 -19.02 7.48
N LEU C 225 -2.62 -19.15 7.27
CA LEU C 225 -2.01 -20.44 7.02
C LEU C 225 -1.90 -21.31 8.29
N GLY C 226 -2.36 -20.83 9.45
CA GLY C 226 -2.63 -21.75 10.53
C GLY C 226 -1.51 -22.28 11.38
N ARG C 227 -0.35 -21.63 11.40
CA ARG C 227 0.71 -22.08 12.26
C ARG C 227 1.63 -20.92 12.56
N ILE C 228 2.42 -21.04 13.63
CA ILE C 228 3.45 -20.09 13.89
C ILE C 228 4.54 -20.21 12.77
N GLU C 229 5.15 -19.07 12.42
CA GLU C 229 6.17 -19.05 11.42
C GLU C 229 7.53 -19.55 11.93
N GLU C 230 8.29 -20.21 11.07
CA GLU C 230 9.64 -20.65 11.44
C GLU C 230 10.67 -19.83 10.69
N PRO C 231 11.88 -19.70 11.25
CA PRO C 231 12.94 -19.02 10.53
C PRO C 231 13.16 -19.48 9.11
N GLU C 232 12.99 -20.77 8.85
CA GLU C 232 13.15 -21.30 7.50
C GLU C 232 12.15 -20.75 6.45
N ASP C 233 10.97 -20.36 6.92
CA ASP C 233 9.91 -19.82 6.06
C ASP C 233 10.45 -18.52 5.42
N VAL C 234 11.19 -17.75 6.21
CA VAL C 234 11.79 -16.51 5.75
C VAL C 234 13.05 -16.79 4.91
N ALA C 235 13.95 -17.63 5.45
CA ALA C 235 15.24 -17.82 4.78
C ALA C 235 15.12 -18.27 3.28
N ASP C 236 14.15 -19.10 2.99
CA ASP C 236 13.98 -19.60 1.65
C ASP C 236 13.56 -18.50 0.68
N VAL C 237 12.77 -17.54 1.16
CA VAL C 237 12.43 -16.39 0.35
C VAL C 237 13.60 -15.46 0.19
N VAL C 238 14.44 -15.35 1.22
CA VAL C 238 15.69 -14.62 1.04
C VAL C 238 16.59 -15.25 -0.03
N VAL C 239 16.73 -16.56 -0.07
CA VAL C 239 17.40 -17.22 -1.14
C VAL C 239 16.89 -16.79 -2.51
N PHE C 240 15.57 -16.80 -2.66
CA PHE C 240 14.97 -16.39 -3.93
C PHE C 240 15.39 -14.95 -4.28
N LEU C 241 15.26 -14.01 -3.33
CA LEU C 241 15.56 -12.61 -3.59
C LEU C 241 17.03 -12.39 -3.87
N ALA C 242 17.88 -13.23 -3.34
CA ALA C 242 19.30 -13.15 -3.62
C ALA C 242 19.65 -13.64 -5.02
N SER C 243 18.84 -14.53 -5.55
CA SER C 243 19.15 -15.28 -6.75
C SER C 243 18.76 -14.55 -8.00
N ASP C 244 19.21 -15.04 -9.14
CA ASP C 244 18.88 -14.39 -10.40
C ASP C 244 17.42 -14.62 -10.82
N ALA C 245 16.68 -15.48 -10.11
CA ALA C 245 15.27 -15.60 -10.37
C ALA C 245 14.58 -14.25 -10.07
N ALA C 246 15.20 -13.48 -9.17
CA ALA C 246 14.64 -12.17 -8.76
C ALA C 246 15.35 -11.02 -9.47
N ARG C 247 15.99 -11.28 -10.60
CA ARG C 247 16.78 -10.30 -11.32
C ARG C 247 16.06 -9.08 -11.74
N PHE C 248 14.75 -9.13 -11.86
CA PHE C 248 13.96 -8.00 -12.28
C PHE C 248 13.08 -7.50 -11.12
N MET C 249 13.55 -7.67 -9.91
CA MET C 249 12.89 -7.16 -8.76
C MET C 249 13.84 -6.34 -7.88
N THR C 250 13.40 -5.15 -7.50
CA THR C 250 14.17 -4.28 -6.64
C THR C 250 13.30 -3.27 -5.91
N GLY C 251 13.69 -2.97 -4.67
CA GLY C 251 12.93 -2.03 -3.82
C GLY C 251 11.73 -2.58 -3.16
N GLN C 252 11.54 -3.91 -3.13
CA GLN C 252 10.33 -4.54 -2.61
C GLN C 252 10.43 -4.85 -1.13
N GLY C 253 9.25 -4.92 -0.51
CA GLY C 253 9.06 -5.45 0.90
C GLY C 253 8.23 -6.67 0.80
N ILE C 254 8.89 -7.79 0.60
CA ILE C 254 8.20 -9.03 0.37
C ILE C 254 7.67 -9.62 1.66
N ASN C 255 6.34 -9.76 1.76
CA ASN C 255 5.74 -10.29 2.95
C ASN C 255 5.93 -11.79 3.03
N VAL C 256 6.34 -12.27 4.18
CA VAL C 256 6.42 -13.71 4.44
C VAL C 256 5.79 -13.91 5.83
N THR C 257 4.45 -13.91 5.80
CA THR C 257 3.66 -13.76 7.05
C THR C 257 2.56 -14.84 7.15
N GLY C 258 2.46 -15.75 6.17
CA GLY C 258 1.36 -16.73 6.18
C GLY C 258 0.00 -16.14 5.92
N GLY C 259 -0.06 -15.02 5.18
CA GLY C 259 -1.34 -14.42 4.85
C GLY C 259 -1.78 -13.29 5.74
N VAL C 260 -0.97 -12.95 6.74
CA VAL C 260 -1.37 -11.93 7.71
C VAL C 260 -1.45 -10.57 7.04
N ARG C 261 -0.44 -10.30 6.22
CA ARG C 261 -0.34 -9.07 5.48
C ARG C 261 -0.18 -9.30 4.00
N MET C 262 -0.99 -8.60 3.18
CA MET C 262 -1.00 -8.77 1.75
C MET C 262 -0.71 -7.46 1.05
N ASP C 263 0.36 -7.43 0.21
CA ASP C 263 0.71 -6.26 -0.57
C ASP C 263 1.11 -6.75 -2.00
N ILE D 7 13.58 -24.43 -1.39
CA ILE D 7 13.71 -25.37 -2.53
C ILE D 7 12.60 -25.26 -3.58
N PHE D 8 13.14 -25.18 -4.75
CA PHE D 8 12.44 -24.60 -5.82
C PHE D 8 12.01 -25.67 -6.81
N ASP D 9 12.11 -26.93 -6.43
CA ASP D 9 11.85 -28.04 -7.37
C ASP D 9 10.34 -28.23 -7.48
N LEU D 10 9.85 -28.47 -8.71
CA LEU D 10 8.42 -28.75 -8.95
C LEU D 10 8.27 -30.16 -9.53
N SER D 11 9.27 -31.02 -9.32
CA SER D 11 9.21 -32.36 -9.88
C SER D 11 7.97 -33.07 -9.45
N GLY D 12 7.26 -33.63 -10.44
CA GLY D 12 6.11 -34.46 -10.23
C GLY D 12 4.83 -33.66 -10.12
N ARG D 13 4.94 -32.33 -10.09
CA ARG D 13 3.73 -31.47 -9.99
C ARG D 13 3.05 -31.35 -11.36
N LYS D 14 1.73 -31.11 -11.34
CA LYS D 14 0.88 -31.16 -12.53
C LYS D 14 0.26 -29.78 -12.62
N ALA D 15 0.57 -29.06 -13.67
CA ALA D 15 0.19 -27.64 -13.79
C ALA D 15 -0.71 -27.38 -14.97
N ILE D 16 -1.61 -26.41 -14.82
CA ILE D 16 -2.35 -25.89 -15.91
C ILE D 16 -2.01 -24.42 -15.99
N VAL D 17 -1.71 -23.94 -17.21
CA VAL D 17 -1.48 -22.52 -17.50
C VAL D 17 -2.54 -22.02 -18.47
N THR D 18 -3.41 -21.13 -18.01
CA THR D 18 -4.30 -20.47 -18.97
C THR D 18 -3.57 -19.35 -19.70
N GLY D 19 -3.86 -19.18 -20.98
CA GLY D 19 -3.18 -18.19 -21.78
C GLY D 19 -1.72 -18.46 -21.98
N GLY D 20 -1.37 -19.74 -21.97
CA GLY D 20 0.02 -20.17 -22.14
C GLY D 20 0.58 -20.35 -23.52
N SER D 21 -0.14 -19.96 -24.57
CA SER D 21 0.34 -20.19 -25.93
C SER D 21 1.45 -19.27 -26.35
N LYS D 22 1.55 -18.08 -25.75
CA LYS D 22 2.35 -17.00 -26.23
C LYS D 22 2.82 -16.15 -24.99
N GLY D 23 3.80 -15.29 -25.24
CA GLY D 23 4.15 -14.18 -24.26
C GLY D 23 4.54 -14.71 -22.88
N ILE D 24 4.03 -14.04 -21.81
CA ILE D 24 4.32 -14.43 -20.47
C ILE D 24 3.87 -15.85 -20.15
N GLY D 25 2.70 -16.23 -20.67
CA GLY D 25 2.17 -17.56 -20.33
C GLY D 25 3.06 -18.67 -20.91
N ALA D 26 3.53 -18.48 -22.14
CA ALA D 26 4.45 -19.47 -22.73
C ALA D 26 5.75 -19.61 -21.93
N ALA D 27 6.28 -18.48 -21.48
CA ALA D 27 7.46 -18.46 -20.59
C ALA D 27 7.19 -19.18 -19.29
N ILE D 28 5.99 -18.97 -18.69
CA ILE D 28 5.64 -19.63 -17.51
C ILE D 28 5.59 -21.15 -17.74
N ALA D 29 4.96 -21.61 -18.82
CA ALA D 29 4.90 -22.99 -19.09
C ALA D 29 6.35 -23.58 -19.19
N ARG D 30 7.23 -22.92 -19.89
CA ARG D 30 8.62 -23.43 -20.11
C ARG D 30 9.35 -23.46 -18.80
N ALA D 31 9.16 -22.44 -17.99
CA ALA D 31 9.84 -22.37 -16.68
C ALA D 31 9.33 -23.40 -15.66
N LEU D 32 8.00 -23.64 -15.63
CA LEU D 32 7.45 -24.66 -14.76
C LEU D 32 7.99 -26.03 -15.16
N ASP D 33 8.06 -26.24 -16.45
CA ASP D 33 8.54 -27.52 -17.02
C ASP D 33 10.02 -27.68 -16.73
N LYS D 34 10.81 -26.65 -16.93
CA LYS D 34 12.23 -26.69 -16.49
C LYS D 34 12.44 -27.02 -15.05
N ALA D 35 11.60 -26.52 -14.17
CA ALA D 35 11.63 -26.83 -12.79
C ALA D 35 11.08 -28.24 -12.40
N GLY D 36 10.52 -28.99 -13.35
CA GLY D 36 10.15 -30.37 -13.09
C GLY D 36 8.68 -30.68 -13.28
N ALA D 37 7.86 -29.65 -13.50
CA ALA D 37 6.46 -29.90 -13.63
C ALA D 37 6.11 -30.47 -14.99
N THR D 38 4.91 -31.06 -15.08
CA THR D 38 4.29 -31.44 -16.35
C THR D 38 3.15 -30.45 -16.57
N VAL D 39 3.16 -29.84 -17.71
CA VAL D 39 2.28 -28.73 -18.03
C VAL D 39 1.23 -29.00 -19.08
N ALA D 40 0.01 -28.53 -18.78
CA ALA D 40 -1.09 -28.43 -19.68
C ALA D 40 -1.31 -26.95 -19.94
N ILE D 41 -1.44 -26.57 -21.20
CA ILE D 41 -1.68 -25.19 -21.60
C ILE D 41 -3.09 -25.17 -22.12
N ALA D 42 -3.89 -24.25 -21.57
CA ALA D 42 -5.25 -24.05 -21.97
C ALA D 42 -5.31 -22.63 -22.61
N ASP D 43 -5.71 -22.51 -23.86
CA ASP D 43 -5.58 -21.22 -24.56
C ASP D 43 -6.56 -21.18 -25.75
N LEU D 44 -6.89 -19.98 -26.17
CA LEU D 44 -7.71 -19.82 -27.42
C LEU D 44 -6.99 -20.40 -28.63
N ASP D 45 -5.67 -20.29 -28.62
CA ASP D 45 -4.81 -20.63 -29.72
C ASP D 45 -4.22 -22.00 -29.47
N VAL D 46 -4.96 -23.06 -29.81
CA VAL D 46 -4.48 -24.41 -29.46
C VAL D 46 -3.25 -24.80 -30.25
N MET D 47 -3.12 -24.38 -31.50
CA MET D 47 -1.94 -24.81 -32.23
C MET D 47 -0.65 -24.22 -31.68
N ALA D 48 -0.67 -22.95 -31.21
CA ALA D 48 0.50 -22.34 -30.66
C ALA D 48 0.80 -23.02 -29.36
N ALA D 49 -0.24 -23.41 -28.63
CA ALA D 49 -0.04 -24.13 -27.36
C ALA D 49 0.68 -25.46 -27.55
N GLN D 50 0.20 -26.18 -28.57
CA GLN D 50 0.81 -27.45 -28.93
C GLN D 50 2.30 -27.26 -29.29
N ALA D 51 2.67 -26.18 -29.98
CA ALA D 51 4.06 -25.98 -30.29
C ALA D 51 4.94 -25.68 -29.09
N VAL D 52 4.39 -24.94 -28.13
CA VAL D 52 5.11 -24.75 -26.87
C VAL D 52 5.27 -26.13 -26.20
N VAL D 53 4.20 -26.94 -26.13
CA VAL D 53 4.21 -28.26 -25.47
C VAL D 53 5.24 -29.18 -26.13
N ALA D 54 5.36 -29.09 -27.42
CA ALA D 54 6.36 -29.85 -28.18
C ALA D 54 7.78 -29.68 -27.71
N GLY D 55 8.13 -28.47 -27.22
CA GLY D 55 9.45 -28.17 -26.72
C GLY D 55 9.73 -28.51 -25.28
N LEU D 56 8.74 -29.00 -24.52
CA LEU D 56 8.88 -29.11 -23.07
C LEU D 56 9.56 -30.44 -22.77
N GLU D 57 10.33 -30.49 -21.69
CA GLU D 57 11.02 -31.75 -21.31
C GLU D 57 10.10 -32.84 -20.82
N ASN D 58 9.02 -32.51 -20.07
CA ASN D 58 8.26 -33.48 -19.36
C ASN D 58 6.97 -33.82 -20.08
N GLY D 59 6.89 -33.41 -21.33
CA GLY D 59 5.74 -33.65 -22.17
C GLY D 59 4.74 -32.55 -21.88
N GLY D 60 3.47 -32.95 -21.81
CA GLY D 60 2.41 -31.96 -21.54
C GLY D 60 1.25 -32.07 -22.50
N PHE D 61 0.33 -31.11 -22.41
CA PHE D 61 -0.93 -31.23 -23.10
C PHE D 61 -1.38 -29.85 -23.51
N ALA D 62 -2.10 -29.76 -24.63
CA ALA D 62 -2.65 -28.47 -25.10
C ALA D 62 -4.12 -28.62 -25.29
N VAL D 63 -4.90 -27.67 -24.78
CA VAL D 63 -6.38 -27.82 -24.79
C VAL D 63 -6.95 -26.44 -25.10
N GLU D 64 -8.00 -26.41 -25.92
CA GLU D 64 -8.65 -25.12 -26.23
C GLU D 64 -9.53 -24.67 -25.07
N VAL D 65 -9.54 -23.37 -24.81
CA VAL D 65 -10.41 -22.82 -23.78
C VAL D 65 -10.72 -21.38 -24.12
N ASP D 66 -11.91 -20.91 -23.73
CA ASP D 66 -12.21 -19.49 -23.74
C ASP D 66 -12.49 -19.17 -22.29
N VAL D 67 -11.55 -18.48 -21.61
CA VAL D 67 -11.67 -18.29 -20.19
C VAL D 67 -12.86 -17.42 -19.77
N THR D 68 -13.53 -16.79 -20.76
CA THR D 68 -14.69 -15.97 -20.43
C THR D 68 -15.95 -16.78 -20.12
N LYS D 69 -15.90 -18.08 -20.44
CA LYS D 69 -17.04 -18.94 -20.38
C LYS D 69 -16.87 -20.03 -19.43
N ARG D 70 -17.77 -20.11 -18.46
CA ARG D 70 -17.65 -21.17 -17.47
C ARG D 70 -17.59 -22.59 -18.00
N ALA D 71 -18.51 -22.90 -18.91
CA ALA D 71 -18.53 -24.27 -19.47
C ALA D 71 -17.24 -24.61 -20.15
N SER D 72 -16.64 -23.68 -20.87
CA SER D 72 -15.39 -23.92 -21.53
C SER D 72 -14.34 -24.20 -20.49
N VAL D 73 -14.26 -23.37 -19.44
CA VAL D 73 -13.19 -23.55 -18.46
C VAL D 73 -13.33 -24.90 -17.74
N ASP D 74 -14.54 -25.22 -17.33
CA ASP D 74 -14.86 -26.51 -16.72
C ASP D 74 -14.35 -27.67 -17.60
N ALA D 75 -14.70 -27.64 -18.86
CA ALA D 75 -14.34 -28.75 -19.78
C ALA D 75 -12.88 -28.83 -20.05
N ALA D 76 -12.25 -27.68 -20.27
CA ALA D 76 -10.81 -27.66 -20.57
C ALA D 76 -10.03 -28.07 -19.33
N MET D 77 -10.45 -27.61 -18.16
CA MET D 77 -9.72 -28.02 -16.92
C MET D 77 -9.88 -29.53 -16.70
N GLN D 78 -11.09 -30.08 -16.92
CA GLN D 78 -11.27 -31.51 -16.67
C GLN D 78 -10.43 -32.28 -17.64
N LYS D 79 -10.41 -31.88 -18.90
CA LYS D 79 -9.64 -32.59 -19.98
C LYS D 79 -8.18 -32.55 -19.64
N ALA D 80 -7.73 -31.38 -19.16
CA ALA D 80 -6.31 -31.27 -18.74
C ALA D 80 -5.94 -32.16 -17.56
N ILE D 81 -6.74 -32.13 -16.50
CA ILE D 81 -6.51 -32.90 -15.31
C ILE D 81 -6.51 -34.39 -15.68
N ASP D 82 -7.47 -34.78 -16.49
CA ASP D 82 -7.48 -36.22 -16.97
C ASP D 82 -6.19 -36.61 -17.66
N ALA D 83 -5.69 -35.74 -18.54
CA ALA D 83 -4.49 -35.95 -19.32
C ALA D 83 -3.22 -35.97 -18.44
N LEU D 84 -3.16 -35.02 -17.51
CA LEU D 84 -2.06 -34.94 -16.56
C LEU D 84 -2.01 -36.03 -15.49
N GLY D 85 -3.15 -36.59 -15.12
CA GLY D 85 -3.23 -37.58 -14.08
C GLY D 85 -3.14 -36.99 -12.70
N GLY D 86 -3.42 -35.70 -12.57
CA GLY D 86 -3.39 -35.06 -11.27
C GLY D 86 -3.46 -33.56 -11.52
N PHE D 87 -3.38 -32.78 -10.48
CA PHE D 87 -3.49 -31.30 -10.61
C PHE D 87 -3.11 -30.63 -9.29
N ASP D 88 -2.00 -29.89 -9.37
CA ASP D 88 -1.33 -29.32 -8.21
C ASP D 88 -1.22 -27.78 -8.31
N LEU D 89 -1.33 -27.20 -9.51
CA LEU D 89 -0.89 -25.81 -9.76
C LEU D 89 -1.63 -25.22 -10.94
N LEU D 90 -2.25 -24.05 -10.72
CA LEU D 90 -2.87 -23.30 -11.76
C LEU D 90 -2.14 -21.99 -11.86
N CYS D 91 -1.69 -21.63 -13.08
CA CYS D 91 -1.24 -20.28 -13.40
C CYS D 91 -2.28 -19.66 -14.31
N ALA D 92 -3.11 -18.74 -13.80
CA ALA D 92 -4.16 -18.13 -14.59
C ALA D 92 -3.61 -16.85 -15.19
N ASN D 93 -3.17 -16.92 -16.46
CA ASN D 93 -2.44 -15.88 -17.08
C ASN D 93 -3.12 -15.18 -18.20
N ALA D 94 -4.17 -15.79 -18.76
CA ALA D 94 -4.84 -15.22 -19.91
C ALA D 94 -5.29 -13.79 -19.63
N GLY D 95 -5.00 -12.90 -20.55
CA GLY D 95 -5.45 -11.53 -20.41
C GLY D 95 -5.47 -10.78 -21.71
N VAL D 96 -6.15 -9.67 -21.72
CA VAL D 96 -6.26 -8.78 -22.87
C VAL D 96 -6.19 -7.32 -22.43
N SER D 97 -6.02 -6.41 -23.37
CA SER D 97 -6.21 -4.96 -23.12
C SER D 97 -6.74 -4.27 -24.36
N THR D 98 -7.37 -3.12 -24.15
CA THR D 98 -7.56 -2.09 -25.15
C THR D 98 -7.19 -0.80 -24.53
N MET D 99 -6.92 0.19 -25.36
CA MET D 99 -6.52 1.48 -24.86
C MET D 99 -7.42 2.55 -25.39
N ARG D 100 -7.92 3.37 -24.50
CA ARG D 100 -8.87 4.42 -24.90
C ARG D 100 -8.90 5.53 -23.87
N PRO D 101 -9.07 6.80 -24.31
CA PRO D 101 -9.40 7.83 -23.29
C PRO D 101 -10.60 7.40 -22.48
N ALA D 102 -10.56 7.67 -21.16
CA ALA D 102 -11.56 7.17 -20.27
C ALA D 102 -12.97 7.63 -20.70
N VAL D 103 -13.05 8.86 -21.19
CA VAL D 103 -14.35 9.39 -21.61
C VAL D 103 -14.94 8.66 -22.81
N ASP D 104 -14.13 7.87 -23.51
CA ASP D 104 -14.55 7.22 -24.71
C ASP D 104 -14.59 5.71 -24.62
N ILE D 105 -14.26 5.15 -23.44
CA ILE D 105 -14.35 3.66 -23.28
C ILE D 105 -15.77 3.16 -23.61
N THR D 106 -15.87 2.12 -24.44
CA THR D 106 -17.11 1.54 -24.81
C THR D 106 -17.52 0.48 -23.84
N ASP D 107 -18.79 0.16 -23.83
CA ASP D 107 -19.19 -0.95 -22.97
C ASP D 107 -18.60 -2.24 -23.46
N GLU D 108 -18.50 -2.37 -24.77
CA GLU D 108 -17.97 -3.59 -25.36
C GLU D 108 -16.54 -3.82 -24.88
N GLU D 109 -15.73 -2.79 -24.87
CA GLU D 109 -14.33 -2.97 -24.46
C GLU D 109 -14.19 -3.03 -22.94
N TRP D 110 -15.04 -2.37 -22.20
CA TRP D 110 -15.15 -2.62 -20.76
C TRP D 110 -15.41 -4.12 -20.45
N ASP D 111 -16.36 -4.70 -21.17
CA ASP D 111 -16.74 -6.05 -20.87
C ASP D 111 -15.62 -6.99 -21.38
N PHE D 112 -14.98 -6.65 -22.45
CA PHE D 112 -13.93 -7.52 -23.04
C PHE D 112 -12.80 -7.61 -21.98
N ASN D 113 -12.38 -6.45 -21.44
CA ASN D 113 -11.30 -6.45 -20.43
C ASN D 113 -11.72 -7.19 -19.17
N PHE D 114 -12.92 -6.92 -18.64
CA PHE D 114 -13.37 -7.60 -17.42
C PHE D 114 -13.59 -9.08 -17.63
N ASP D 115 -14.21 -9.45 -18.73
CA ASP D 115 -14.57 -10.82 -18.90
C ASP D 115 -13.31 -11.71 -19.04
N VAL D 116 -12.29 -11.23 -19.74
CA VAL D 116 -11.08 -12.04 -19.84
C VAL D 116 -10.28 -11.91 -18.53
N ASN D 117 -10.04 -10.69 -18.12
CA ASN D 117 -9.01 -10.43 -17.09
C ASN D 117 -9.47 -10.81 -15.73
N ALA D 118 -10.66 -10.39 -15.41
CA ALA D 118 -11.24 -10.64 -14.08
C ALA D 118 -12.07 -11.91 -14.01
N ARG D 119 -13.04 -12.01 -14.92
CA ARG D 119 -13.93 -13.19 -14.89
C ARG D 119 -13.12 -14.45 -15.19
N GLY D 120 -12.16 -14.36 -16.06
CA GLY D 120 -11.41 -15.54 -16.45
C GLY D 120 -10.58 -16.07 -15.33
N VAL D 121 -10.02 -15.16 -14.56
CA VAL D 121 -9.35 -15.56 -13.31
C VAL D 121 -10.26 -16.17 -12.29
N PHE D 122 -11.39 -15.48 -12.04
CA PHE D 122 -12.42 -16.02 -11.20
C PHE D 122 -12.72 -17.48 -11.56
N LEU D 123 -13.07 -17.69 -12.80
CA LEU D 123 -13.56 -19.01 -13.23
C LEU D 123 -12.48 -20.03 -13.10
N ALA D 124 -11.30 -19.74 -13.62
CA ALA D 124 -10.22 -20.73 -13.50
C ALA D 124 -9.83 -21.02 -12.08
N ASN D 125 -9.76 -19.97 -11.23
CA ASN D 125 -9.50 -20.20 -9.84
C ASN D 125 -10.54 -20.95 -9.08
N GLN D 126 -11.78 -20.54 -9.26
CA GLN D 126 -12.88 -21.21 -8.52
C GLN D 126 -12.93 -22.69 -8.86
N ILE D 127 -12.83 -22.96 -10.13
CA ILE D 127 -12.86 -24.39 -10.61
C ILE D 127 -11.63 -25.15 -10.13
N ALA D 128 -10.48 -24.52 -10.17
CA ALA D 128 -9.26 -25.15 -9.57
C ALA D 128 -9.40 -25.47 -8.11
N CYS D 129 -9.98 -24.57 -7.33
CA CYS D 129 -10.12 -24.80 -5.95
C CYS D 129 -11.13 -25.91 -5.70
N ARG D 130 -12.17 -26.02 -6.52
CA ARG D 130 -13.10 -27.13 -6.34
C ARG D 130 -12.35 -28.46 -6.53
N HIS D 131 -11.52 -28.53 -7.55
CA HIS D 131 -10.72 -29.72 -7.83
C HIS D 131 -9.76 -30.03 -6.69
N PHE D 132 -9.03 -29.02 -6.20
CA PHE D 132 -8.06 -29.23 -5.13
C PHE D 132 -8.77 -29.77 -3.89
N LEU D 133 -9.90 -29.18 -3.52
CA LEU D 133 -10.58 -29.59 -2.35
C LEU D 133 -11.14 -31.01 -2.50
N ALA D 134 -11.65 -31.31 -3.69
CA ALA D 134 -12.26 -32.64 -3.92
C ALA D 134 -11.13 -33.71 -3.85
N SER D 135 -9.93 -33.41 -4.31
CA SER D 135 -8.80 -34.37 -4.23
C SER D 135 -7.92 -34.28 -3.01
N ASN D 136 -8.25 -33.43 -2.06
CA ASN D 136 -7.45 -33.17 -0.90
C ASN D 136 -6.00 -32.82 -1.25
N THR D 137 -5.86 -31.86 -2.17
CA THR D 137 -4.55 -31.46 -2.67
C THR D 137 -4.22 -30.08 -2.11
N LYS D 138 -3.01 -29.92 -1.67
CA LYS D 138 -2.47 -28.63 -1.25
C LYS D 138 -2.10 -27.81 -2.46
N GLY D 139 -3.09 -27.43 -3.23
CA GLY D 139 -2.92 -26.79 -4.49
C GLY D 139 -2.42 -25.37 -4.35
N VAL D 140 -1.86 -24.90 -5.45
CA VAL D 140 -1.28 -23.52 -5.52
C VAL D 140 -1.81 -22.81 -6.75
N ILE D 141 -2.10 -21.51 -6.60
CA ILE D 141 -2.55 -20.65 -7.67
C ILE D 141 -1.58 -19.48 -7.80
N VAL D 142 -1.19 -19.20 -9.00
CA VAL D 142 -0.53 -17.94 -9.39
C VAL D 142 -1.30 -17.25 -10.50
N ASN D 143 -1.83 -16.07 -10.23
CA ASN D 143 -2.51 -15.26 -11.20
C ASN D 143 -1.67 -14.18 -11.78
N THR D 144 -1.76 -13.92 -13.08
CA THR D 144 -1.03 -12.81 -13.61
C THR D 144 -1.91 -11.55 -13.55
N ALA D 145 -1.52 -10.64 -12.67
CA ALA D 145 -2.19 -9.31 -12.64
C ALA D 145 -1.45 -8.34 -13.53
N SER D 146 -0.96 -7.24 -13.01
CA SER D 146 -0.35 -6.20 -13.78
C SER D 146 0.16 -5.12 -12.81
N LEU D 147 1.16 -4.36 -13.28
CA LEU D 147 1.47 -3.11 -12.65
C LEU D 147 0.19 -2.25 -12.48
N ALA D 148 -0.74 -2.36 -13.43
CA ALA D 148 -2.00 -1.65 -13.36
C ALA D 148 -2.97 -2.23 -12.35
N ALA D 149 -2.58 -3.23 -11.54
CA ALA D 149 -3.37 -3.63 -10.39
C ALA D 149 -2.92 -2.86 -9.16
N LYS D 150 -1.80 -2.13 -9.29
CA LYS D 150 -1.24 -1.30 -8.21
C LYS D 150 -1.32 0.20 -8.45
N VAL D 151 -1.24 0.63 -9.71
CA VAL D 151 -1.30 2.04 -10.08
C VAL D 151 -2.24 2.13 -11.25
N GLY D 152 -3.29 2.93 -11.12
CA GLY D 152 -4.19 3.16 -12.22
C GLY D 152 -3.46 3.84 -13.33
N ALA D 153 -3.61 3.32 -14.56
CA ALA D 153 -2.91 3.87 -15.72
C ALA D 153 -3.83 4.64 -16.67
N PRO D 154 -3.45 5.87 -17.02
CA PRO D 154 -4.25 6.60 -17.99
C PRO D 154 -4.26 5.90 -19.36
N LEU D 155 -5.39 6.01 -20.01
CA LEU D 155 -5.72 5.39 -21.30
C LEU D 155 -6.04 3.90 -21.10
N LEU D 156 -5.86 3.42 -19.85
CA LEU D 156 -6.07 2.02 -19.51
C LEU D 156 -6.93 1.98 -18.23
N ALA D 157 -7.90 2.90 -18.13
CA ALA D 157 -8.72 2.96 -16.91
C ALA D 157 -9.56 1.72 -16.65
N HIS D 158 -10.17 1.18 -17.73
CA HIS D 158 -10.92 -0.06 -17.62
C HIS D 158 -10.05 -1.28 -17.42
N TYR D 159 -8.90 -1.31 -18.11
CA TYR D 159 -7.91 -2.39 -17.93
C TYR D 159 -7.43 -2.40 -16.45
N SER D 160 -7.14 -1.21 -15.94
CA SER D 160 -6.62 -1.08 -14.57
C SER D 160 -7.66 -1.59 -13.60
N ALA D 161 -8.89 -1.14 -13.80
CA ALA D 161 -9.95 -1.61 -12.95
C ALA D 161 -10.08 -3.13 -12.97
N SER D 162 -9.96 -3.74 -14.17
CA SER D 162 -10.03 -5.15 -14.26
C SER D 162 -8.90 -5.88 -13.56
N LYS D 163 -7.73 -5.25 -13.52
CA LYS D 163 -6.53 -5.88 -12.91
C LYS D 163 -6.47 -5.65 -11.42
N PHE D 164 -6.94 -4.51 -10.94
CA PHE D 164 -7.23 -4.34 -9.55
C PHE D 164 -8.17 -5.43 -9.07
N ALA D 165 -9.21 -5.73 -9.86
CA ALA D 165 -10.14 -6.77 -9.51
C ALA D 165 -9.46 -8.13 -9.36
N VAL D 166 -8.50 -8.45 -10.21
CA VAL D 166 -7.73 -9.69 -10.05
C VAL D 166 -7.07 -9.75 -8.71
N PHE D 167 -6.43 -8.65 -8.32
CA PHE D 167 -5.64 -8.61 -7.08
C PHE D 167 -6.57 -8.71 -5.87
N GLY D 168 -7.72 -8.05 -5.91
CA GLY D 168 -8.69 -8.13 -4.83
C GLY D 168 -9.25 -9.53 -4.66
N TRP D 169 -9.61 -10.12 -5.79
CA TRP D 169 -10.03 -11.53 -5.85
C TRP D 169 -8.97 -12.43 -5.24
N THR D 170 -7.74 -12.19 -5.62
CA THR D 170 -6.58 -13.01 -5.13
C THR D 170 -6.46 -12.95 -3.62
N GLN D 171 -6.55 -11.75 -3.11
CA GLN D 171 -6.48 -11.57 -1.65
C GLN D 171 -7.61 -12.31 -0.87
N ALA D 172 -8.83 -12.12 -1.34
CA ALA D 172 -10.00 -12.71 -0.70
C ALA D 172 -10.02 -14.20 -0.79
N LEU D 173 -9.66 -14.72 -1.98
CA LEU D 173 -9.60 -16.17 -2.12
C LEU D 173 -8.53 -16.74 -1.27
N ALA D 174 -7.38 -16.07 -1.24
CA ALA D 174 -6.23 -16.53 -0.39
C ALA D 174 -6.69 -16.70 1.05
N ARG D 175 -7.48 -15.74 1.54
CA ARG D 175 -7.95 -15.80 2.93
C ARG D 175 -8.90 -16.98 3.16
N GLU D 176 -9.74 -17.28 2.17
CA GLU D 176 -10.61 -18.44 2.30
C GLU D 176 -9.89 -19.76 2.17
N MET D 177 -8.89 -19.82 1.33
CA MET D 177 -8.18 -21.05 0.96
C MET D 177 -7.07 -21.36 1.93
N ALA D 178 -6.62 -20.37 2.66
CA ALA D 178 -5.46 -20.63 3.55
C ALA D 178 -5.71 -21.68 4.62
N PRO D 179 -6.90 -21.70 5.23
CA PRO D 179 -7.18 -22.80 6.21
C PRO D 179 -7.22 -24.20 5.60
N LYS D 180 -7.30 -24.27 4.27
CA LYS D 180 -7.28 -25.50 3.49
C LYS D 180 -5.91 -25.83 2.96
N ASN D 181 -4.94 -25.01 3.31
CA ASN D 181 -3.55 -25.13 2.81
C ASN D 181 -3.43 -25.05 1.31
N ILE D 182 -4.26 -24.21 0.72
CA ILE D 182 -4.18 -23.87 -0.65
C ILE D 182 -3.72 -22.42 -0.76
N ARG D 183 -2.66 -22.14 -1.51
CA ARG D 183 -2.05 -20.77 -1.57
C ARG D 183 -2.47 -20.12 -2.85
N VAL D 184 -2.69 -18.82 -2.81
CA VAL D 184 -3.13 -18.07 -3.97
C VAL D 184 -2.37 -16.73 -3.97
N ASN D 185 -1.58 -16.49 -5.00
CA ASN D 185 -0.80 -15.26 -5.15
C ASN D 185 -0.92 -14.76 -6.54
N CYS D 186 -0.59 -13.51 -6.74
CA CYS D 186 -0.46 -12.97 -8.06
C CYS D 186 0.87 -12.28 -8.33
N VAL D 187 1.14 -12.11 -9.62
CA VAL D 187 2.33 -11.34 -10.01
C VAL D 187 1.93 -10.15 -10.75
N CYS D 188 2.67 -9.07 -10.59
CA CYS D 188 2.34 -7.80 -11.22
C CYS D 188 3.50 -7.39 -12.09
N PRO D 189 3.45 -7.69 -13.39
CA PRO D 189 4.60 -7.33 -14.28
C PRO D 189 4.60 -5.88 -14.67
N GLY D 190 5.76 -5.43 -15.15
CA GLY D 190 5.93 -4.07 -15.66
C GLY D 190 5.78 -4.06 -17.18
N PHE D 191 6.78 -3.52 -17.84
CA PHE D 191 6.70 -3.25 -19.26
C PHE D 191 7.27 -4.41 -20.05
N VAL D 192 6.47 -5.47 -20.17
CA VAL D 192 7.01 -6.74 -20.72
C VAL D 192 6.87 -6.80 -22.24
N LYS D 193 7.95 -7.10 -22.91
CA LYS D 193 7.97 -7.12 -24.35
C LYS D 193 7.38 -8.40 -24.93
N THR D 194 6.12 -8.24 -25.29
CA THR D 194 5.30 -9.30 -25.87
C THR D 194 4.47 -8.61 -26.97
N ALA D 195 3.61 -9.37 -27.60
CA ALA D 195 2.63 -8.86 -28.57
C ALA D 195 1.72 -7.84 -27.97
N MET D 196 1.39 -7.96 -26.70
CA MET D 196 0.58 -6.97 -26.04
C MET D 196 1.30 -5.64 -25.93
N GLN D 197 2.58 -5.68 -25.58
CA GLN D 197 3.38 -4.45 -25.58
C GLN D 197 3.42 -3.84 -26.96
N GLU D 198 3.55 -4.66 -27.99
CA GLU D 198 3.69 -4.09 -29.32
C GLU D 198 2.42 -3.36 -29.70
N ARG D 199 1.27 -3.94 -29.34
CA ARG D 199 0.00 -3.26 -29.62
C ARG D 199 -0.13 -1.97 -28.84
N GLU D 200 0.14 -2.02 -27.55
CA GLU D 200 0.02 -0.85 -26.69
C GLU D 200 0.89 0.31 -27.06
N ILE D 201 2.14 0.01 -27.42
CA ILE D 201 3.08 1.02 -27.94
C ILE D 201 2.47 1.75 -29.10
N ILE D 202 1.90 1.01 -30.04
CA ILE D 202 1.23 1.58 -31.16
C ILE D 202 -0.01 2.37 -30.81
N TRP D 203 -0.85 1.81 -29.96
CA TRP D 203 -2.02 2.56 -29.53
C TRP D 203 -1.69 3.86 -28.79
N GLU D 204 -0.69 3.82 -27.89
CA GLU D 204 -0.26 4.96 -27.18
C GLU D 204 0.38 5.98 -28.10
N ALA D 205 1.19 5.54 -29.04
CA ALA D 205 1.83 6.40 -30.06
C ALA D 205 0.71 7.12 -30.81
N GLU D 206 -0.23 6.32 -31.30
CA GLU D 206 -1.39 6.89 -32.00
C GLU D 206 -2.11 7.94 -31.15
N LEU D 207 -2.38 7.63 -29.89
CA LEU D 207 -3.15 8.52 -29.01
C LEU D 207 -2.40 9.73 -28.56
N ARG D 208 -1.07 9.66 -28.46
CA ARG D 208 -0.33 10.79 -27.91
C ARG D 208 0.46 11.52 -29.03
N GLY D 209 0.40 11.08 -30.27
CA GLY D 209 1.11 11.74 -31.38
C GLY D 209 2.64 11.52 -31.30
N MET D 210 3.04 10.31 -30.92
CA MET D 210 4.44 9.90 -30.79
C MET D 210 4.73 8.77 -31.74
N THR D 211 6.00 8.50 -31.96
CA THR D 211 6.37 7.29 -32.64
C THR D 211 6.27 6.09 -31.62
N PRO D 212 5.94 4.89 -32.09
CA PRO D 212 5.98 3.71 -31.19
C PRO D 212 7.35 3.55 -30.53
N GLU D 213 8.43 3.75 -31.28
CA GLU D 213 9.76 3.70 -30.66
C GLU D 213 10.02 4.68 -29.49
N ALA D 214 9.56 5.91 -29.61
CA ALA D 214 9.66 6.87 -28.50
C ALA D 214 8.87 6.44 -27.30
N VAL D 215 7.71 5.85 -27.55
CA VAL D 215 6.94 5.32 -26.44
C VAL D 215 7.68 4.20 -25.72
N ARG D 216 8.19 3.27 -26.46
CA ARG D 216 8.98 2.16 -25.88
C ARG D 216 10.17 2.65 -25.08
N ALA D 217 10.92 3.60 -25.66
CA ALA D 217 12.04 4.23 -24.94
C ALA D 217 11.59 4.91 -23.64
N GLU D 218 10.40 5.50 -23.60
CA GLU D 218 9.92 6.10 -22.38
C GLU D 218 9.70 5.04 -21.32
N TYR D 219 9.14 3.88 -21.70
CA TYR D 219 8.99 2.77 -20.75
C TYR D 219 10.34 2.42 -20.12
N VAL D 220 11.41 2.33 -20.92
CA VAL D 220 12.72 1.97 -20.35
C VAL D 220 13.20 3.07 -19.42
N SER D 221 13.01 4.33 -19.83
CA SER D 221 13.39 5.51 -19.02
C SER D 221 12.72 5.49 -17.65
N LEU D 222 11.51 4.93 -17.59
CA LEU D 222 10.72 4.83 -16.36
C LEU D 222 11.13 3.65 -15.51
N THR D 223 12.09 2.81 -15.98
CA THR D 223 12.37 1.56 -15.32
C THR D 223 13.73 1.68 -14.63
N PRO D 224 13.79 1.61 -13.32
CA PRO D 224 15.09 1.77 -12.63
C PRO D 224 16.17 0.82 -13.12
N LEU D 225 15.86 -0.46 -13.30
CA LEU D 225 16.84 -1.43 -13.79
C LEU D 225 17.27 -1.19 -15.23
N GLY D 226 16.63 -0.26 -15.94
CA GLY D 226 17.19 0.29 -17.15
C GLY D 226 17.06 -0.55 -18.42
N ARG D 227 16.08 -1.42 -18.46
CA ARG D 227 15.80 -2.24 -19.67
C ARG D 227 14.37 -2.63 -19.77
N ILE D 228 13.93 -2.88 -21.00
CA ILE D 228 12.65 -3.43 -21.17
C ILE D 228 12.57 -4.83 -20.53
N GLU D 229 11.41 -5.21 -19.99
CA GLU D 229 11.24 -6.46 -19.29
C GLU D 229 10.96 -7.64 -20.32
N GLU D 230 11.39 -8.81 -19.97
CA GLU D 230 11.17 -10.02 -20.77
C GLU D 230 10.18 -10.92 -20.09
N PRO D 231 9.48 -11.73 -20.88
CA PRO D 231 8.59 -12.67 -20.25
C PRO D 231 9.26 -13.58 -19.23
N GLU D 232 10.52 -13.96 -19.50
CA GLU D 232 11.22 -14.79 -18.57
C GLU D 232 11.48 -14.17 -17.19
N ASP D 233 11.57 -12.84 -17.16
CA ASP D 233 11.69 -12.07 -15.88
C ASP D 233 10.51 -12.38 -14.92
N VAL D 234 9.37 -12.53 -15.55
CA VAL D 234 8.14 -12.85 -14.84
C VAL D 234 8.07 -14.35 -14.49
N ALA D 235 8.34 -15.17 -15.49
CA ALA D 235 8.17 -16.57 -15.37
C ALA D 235 8.94 -17.18 -14.22
N ASP D 236 10.17 -16.74 -13.97
CA ASP D 236 10.98 -17.30 -12.93
C ASP D 236 10.40 -16.97 -11.54
N VAL D 237 9.71 -15.82 -11.44
CA VAL D 237 9.04 -15.47 -10.15
C VAL D 237 7.80 -16.34 -9.96
N VAL D 238 7.10 -16.69 -11.03
CA VAL D 238 5.93 -17.57 -10.93
C VAL D 238 6.38 -18.95 -10.45
N VAL D 239 7.51 -19.42 -10.95
CA VAL D 239 8.06 -20.69 -10.44
C VAL D 239 8.27 -20.59 -8.94
N PHE D 240 8.95 -19.54 -8.47
CA PHE D 240 9.16 -19.31 -7.04
C PHE D 240 7.84 -19.39 -6.29
N LEU D 241 6.86 -18.67 -6.81
CA LEU D 241 5.56 -18.64 -6.08
C LEU D 241 4.80 -19.95 -6.09
N ALA D 242 5.04 -20.75 -7.10
CA ALA D 242 4.48 -22.08 -7.21
C ALA D 242 5.12 -23.09 -6.23
N SER D 243 6.37 -22.81 -5.90
CA SER D 243 7.21 -23.73 -5.25
C SER D 243 7.11 -23.69 -3.75
N ASP D 244 7.73 -24.67 -3.07
CA ASP D 244 7.61 -24.71 -1.62
C ASP D 244 8.47 -23.67 -0.91
N ALA D 245 9.32 -23.00 -1.66
CA ALA D 245 10.07 -21.86 -1.06
C ALA D 245 9.10 -20.78 -0.66
N ALA D 246 7.94 -20.71 -1.36
CA ALA D 246 6.89 -19.70 -1.04
C ALA D 246 5.77 -20.28 -0.18
N ARG D 247 6.09 -21.32 0.58
CA ARG D 247 5.08 -21.97 1.37
C ARG D 247 4.37 -21.19 2.44
N PHE D 248 5.00 -20.11 2.91
CA PHE D 248 4.42 -19.24 3.91
C PHE D 248 3.99 -17.88 3.30
N MET D 249 3.66 -17.89 2.01
CA MET D 249 3.23 -16.68 1.30
C MET D 249 1.91 -16.92 0.59
N THR D 250 0.89 -16.12 0.91
CA THR D 250 -0.35 -16.20 0.22
C THR D 250 -1.04 -14.83 0.20
N GLY D 251 -1.78 -14.62 -0.89
CA GLY D 251 -2.57 -13.38 -1.11
C GLY D 251 -1.73 -12.19 -1.56
N GLN D 252 -0.48 -12.40 -1.93
CA GLN D 252 0.38 -11.30 -2.39
C GLN D 252 0.21 -10.90 -3.82
N GLY D 253 0.59 -9.65 -4.09
CA GLY D 253 0.81 -9.11 -5.46
C GLY D 253 2.25 -8.76 -5.62
N ILE D 254 3.03 -9.76 -6.07
CA ILE D 254 4.48 -9.62 -6.15
C ILE D 254 4.76 -8.77 -7.38
N ASN D 255 5.42 -7.65 -7.17
CA ASN D 255 5.82 -6.77 -8.27
C ASN D 255 7.04 -7.34 -8.96
N VAL D 256 6.97 -7.44 -10.27
CA VAL D 256 8.17 -7.81 -11.09
C VAL D 256 8.25 -6.79 -12.20
N THR D 257 8.76 -5.60 -11.85
CA THR D 257 8.73 -4.43 -12.70
C THR D 257 10.05 -3.74 -12.93
N GLY D 258 11.15 -4.25 -12.37
CA GLY D 258 12.43 -3.60 -12.53
C GLY D 258 12.55 -2.35 -11.69
N GLY D 259 11.69 -2.27 -10.64
CA GLY D 259 11.79 -1.09 -9.75
C GLY D 259 10.74 -0.02 -9.98
N VAL D 260 9.88 -0.24 -10.95
CA VAL D 260 8.87 0.79 -11.27
C VAL D 260 7.90 0.96 -10.15
N ARG D 261 7.49 -0.13 -9.56
CA ARG D 261 6.55 -0.12 -8.44
C ARG D 261 7.13 -0.92 -7.30
N MET D 262 7.08 -0.34 -6.10
CA MET D 262 7.57 -0.97 -4.89
C MET D 262 6.49 -1.06 -3.77
N ASP D 263 6.17 -2.26 -3.37
CA ASP D 263 5.30 -2.56 -2.27
C ASP D 263 6.01 -3.60 -1.38
#